data_7C7L
#
_entry.id   7C7L
#
_cell.length_a   1.00
_cell.length_b   1.00
_cell.length_c   1.00
_cell.angle_alpha   90.00
_cell.angle_beta   90.00
_cell.angle_gamma   90.00
#
_symmetry.space_group_name_H-M   'P 1'
#
loop_
_entity.id
_entity.type
_entity.pdbx_description
1 polymer 'CRISPR-associated protein Cas14a.1'
2 polymer sgRNA
3 polymer 'DNA (40-mer)'
4 polymer 'DNA (40-mer)'
5 non-polymer 'ZINC ION'
#
loop_
_entity_poly.entity_id
_entity_poly.type
_entity_poly.pdbx_seq_one_letter_code
_entity_poly.pdbx_strand_id
1 'polypeptide(L)'
;MGHHHHHHGSMAKNTITKTLKLRIVRPYNSAEVEKIVADEKNNREKIALEKNKDKVKEACSKHLKVAAYCTTQVERNACL
FCKARKLDDKFYQKLRGQFPDAVFWQEISEIFRQLQKQAAEIYNQSLIELYYEIFIKGKGIANASSVEHYLSDVCYTRAA
ELFKNAAIASGLRSKIKSNFRLKELKNMKSGLPTTKSDNFPIPLVKQKGGQYTGFEISNHNSDFIIKIPFGRWQVKKEID
KYRPWEKFDFEQVQKSPKPISLLLSTQRRKRNKGWSKDEGTEAEIKKVMNGDYQTSYIEVKRGSKIGEKSAWMLNLSIDV
PKIDKGVDPSIIGGIAVGVKSPLVCAINNAFSRYSISDNDLFHFNKKMFARRRILLKKNRHKRAGHGAKNKLKPITILTE
KSERFRKKLIERWACEIADFFIKNKVGTVQMENLESMKRKEDSYFNIRLRGFWPYAEMQNKIEFKLKQYGIEIRKVAPNN
TSKTCSKCGHLNNYFNFEYRKKNKFPHFKCEKCNFKENADYNAALNISNPKLKSTKEEP
;
A,B
2 'polyribonucleotide'
;UUCACUGAUAAAGUGGAGAACCGCUUCACCAAAAGCUGUCCCUUAGGGGAUUAGAACUUGAGUGAAGGUGGGCUGCUUGC
AUCAGCCUAAUGUCGAGAAGUGCUUUCUUCGGAAAGUAACCCUCGAAACAAAUUCAUUUGAAAGAAUGAAGGAAUGCAAC
GGAAAUUAGGUGCGCUUGGC
;
C
3 'polydeoxyribonucleotide'
;(DG)(DA)(DA)(DT)(DG)(DG)(DT)(DT)(DG)(DC)(DC)(DA)(DA)(DG)(DC)(DG)(DC)(DA)(DC)(DC)
(DT)(DA)(DA)(DT)(DT)(DT)(DC)(DC)(DC)(DA)(DA)(DA)(DT)(DT)(DA)(DG)(DA)(DA)(DA)(DA)
;
D
4 'polydeoxyribonucleotide'
;(DT)(DT)(DT)(DT)(DC)(DT)(DA)(DA)(DT)(DT)(DT)(DG)(DG)(DG)(DA)(DA)(DA)(DT)(DT)(DA)
(DG)(DG)(DT)(DG)(DC)(DG)(DC)(DT)(DT)(DG)(DG)(DC)(DA)(DA)(DC)(DC)(DA)(DT)(DT)(DC)
;
E
#
loop_
_chem_comp.id
_chem_comp.type
_chem_comp.name
_chem_comp.formula
A RNA linking ADENOSINE-5'-MONOPHOSPHATE 'C10 H14 N5 O7 P'
C RNA linking CYTIDINE-5'-MONOPHOSPHATE 'C9 H14 N3 O8 P'
DA DNA linking 2'-DEOXYADENOSINE-5'-MONOPHOSPHATE 'C10 H14 N5 O6 P'
DC DNA linking 2'-DEOXYCYTIDINE-5'-MONOPHOSPHATE 'C9 H14 N3 O7 P'
DG DNA linking 2'-DEOXYGUANOSINE-5'-MONOPHOSPHATE 'C10 H14 N5 O7 P'
DT DNA linking THYMIDINE-5'-MONOPHOSPHATE 'C10 H15 N2 O8 P'
G RNA linking GUANOSINE-5'-MONOPHOSPHATE 'C10 H14 N5 O8 P'
U RNA linking URIDINE-5'-MONOPHOSPHATE 'C9 H13 N2 O9 P'
ZN non-polymer 'ZINC ION' 'Zn 2'
#
# COMPACT_ATOMS: atom_id res chain seq x y z
N LYS A 13 -30.38 9.66 0.30
CA LYS A 13 -31.77 10.14 0.05
C LYS A 13 -31.88 10.54 -1.43
N ASN A 14 -32.26 11.80 -1.72
CA ASN A 14 -32.28 12.37 -3.10
C ASN A 14 -30.92 12.98 -3.45
N THR A 15 -29.92 12.87 -2.55
CA THR A 15 -28.60 13.54 -2.62
C THR A 15 -27.47 12.51 -2.65
N ILE A 16 -26.24 13.00 -2.83
CA ILE A 16 -24.99 12.18 -2.94
C ILE A 16 -23.83 13.02 -2.40
N THR A 17 -23.00 12.47 -1.49
CA THR A 17 -21.82 13.18 -0.92
C THR A 17 -20.60 13.04 -1.81
N LYS A 18 -19.82 14.11 -1.83
CA LYS A 18 -18.59 14.31 -2.63
C LYS A 18 -17.60 15.07 -1.75
N THR A 19 -16.31 14.98 -2.00
CA THR A 19 -15.40 16.04 -1.49
C THR A 19 -15.17 17.12 -2.51
N LEU A 20 -14.72 18.27 -2.06
CA LEU A 20 -13.90 19.19 -2.87
C LEU A 20 -12.57 19.38 -2.12
N LYS A 21 -11.50 18.91 -2.74
CA LYS A 21 -10.12 18.96 -2.23
C LYS A 21 -9.55 20.29 -2.67
N LEU A 22 -9.05 21.08 -1.75
CA LEU A 22 -8.74 22.50 -1.99
C LEU A 22 -7.45 22.86 -1.26
N ARG A 23 -6.57 23.63 -1.88
CA ARG A 23 -5.24 23.89 -1.26
C ARG A 23 -5.37 25.16 -0.46
N ILE A 24 -4.82 25.18 0.75
CA ILE A 24 -4.86 26.36 1.66
C ILE A 24 -3.79 27.33 1.21
N VAL A 25 -4.15 28.52 0.74
CA VAL A 25 -3.17 29.55 0.30
C VAL A 25 -2.45 30.05 1.54
N ARG A 26 -3.16 30.64 2.47
CA ARG A 26 -2.58 31.33 3.62
C ARG A 26 -3.67 31.60 4.62
N PRO A 27 -3.38 31.59 5.94
CA PRO A 27 -4.40 31.95 6.91
C PRO A 27 -4.81 33.41 6.67
N TYR A 28 -6.12 33.59 6.45
CA TYR A 28 -6.79 34.89 6.26
C TYR A 28 -6.87 35.55 7.63
N ASN A 29 -7.16 36.87 7.67
CA ASN A 29 -7.08 37.70 8.91
C ASN A 29 -8.33 38.58 9.02
N SER A 30 -8.23 39.63 9.84
CA SER A 30 -9.22 40.74 9.96
C SER A 30 -9.47 41.37 8.59
N ALA A 31 -10.57 42.12 8.46
CA ALA A 31 -10.85 43.02 7.32
C ALA A 31 -9.78 44.12 7.26
N GLU A 32 -9.27 44.54 8.43
CA GLU A 32 -8.21 45.58 8.58
C GLU A 32 -6.90 45.08 7.97
N VAL A 33 -6.40 43.97 8.51
CA VAL A 33 -5.06 43.39 8.14
C VAL A 33 -5.07 43.00 6.66
N GLU A 34 -6.15 42.39 6.19
CA GLU A 34 -6.28 41.99 4.76
C GLU A 34 -6.40 43.25 3.92
N LYS A 35 -7.07 44.30 4.40
CA LYS A 35 -7.18 45.60 3.67
C LYS A 35 -5.76 46.15 3.44
N ILE A 36 -4.93 46.15 4.49
CA ILE A 36 -3.56 46.73 4.45
C ILE A 36 -2.63 45.85 3.59
N VAL A 37 -2.77 44.53 3.68
CA VAL A 37 -2.09 43.56 2.78
C VAL A 37 -2.40 43.97 1.34
N ALA A 38 -3.68 43.97 0.98
CA ALA A 38 -4.16 44.26 -0.41
C ALA A 38 -3.59 45.60 -0.87
N ASP A 39 -3.69 46.63 -0.02
CA ASP A 39 -3.36 48.01 -0.44
C ASP A 39 -1.85 48.15 -0.61
N GLU A 40 -1.03 47.43 0.17
CA GLU A 40 0.45 47.40 -0.07
C GLU A 40 0.76 46.71 -1.39
N LYS A 41 0.00 45.67 -1.75
CA LYS A 41 0.20 44.91 -3.01
C LYS A 41 -0.09 45.85 -4.20
N ASN A 42 -1.21 46.58 -4.15
CA ASN A 42 -1.57 47.59 -5.18
C ASN A 42 -0.59 48.77 -5.14
N ASN A 43 -0.13 49.15 -3.94
CA ASN A 43 0.92 50.19 -3.72
C ASN A 43 2.18 49.83 -4.54
N ARG A 44 2.63 48.57 -4.51
CA ARG A 44 3.85 48.11 -5.23
C ARG A 44 3.56 48.04 -6.74
N GLU A 45 2.35 47.61 -7.13
CA GLU A 45 1.91 47.59 -8.56
C GLU A 45 1.85 49.02 -9.13
N LYS A 46 1.55 50.02 -8.28
CA LYS A 46 1.47 51.46 -8.64
C LYS A 46 2.87 52.08 -8.68
N ILE A 47 3.73 51.74 -7.72
CA ILE A 47 5.18 52.12 -7.69
C ILE A 47 5.83 51.73 -9.02
N ALA A 48 5.75 50.45 -9.40
CA ALA A 48 6.48 49.84 -10.54
C ALA A 48 6.06 50.47 -11.88
N LEU A 49 4.81 50.90 -11.99
CA LEU A 49 4.18 51.43 -13.24
C LEU A 49 4.11 52.95 -13.18
N LYS A 57 8.78 47.46 -20.58
CA LYS A 57 8.99 47.17 -22.03
C LYS A 57 7.95 46.15 -22.53
N GLU A 58 7.85 44.98 -21.87
CA GLU A 58 6.88 43.87 -22.17
C GLU A 58 5.96 43.65 -20.96
N ALA A 59 4.88 42.88 -21.13
CA ALA A 59 3.86 42.63 -20.08
C ALA A 59 3.02 41.40 -20.41
N CYS A 60 2.26 40.92 -19.43
CA CYS A 60 1.17 39.93 -19.57
C CYS A 60 -0.09 40.67 -20.03
N SER A 61 -1.14 39.95 -20.45
CA SER A 61 -2.36 40.53 -21.08
C SER A 61 -3.02 41.56 -20.15
N LYS A 62 -3.14 41.22 -18.86
CA LYS A 62 -3.71 42.08 -17.78
C LYS A 62 -2.95 43.42 -17.71
N HIS A 63 -1.67 43.42 -18.06
CA HIS A 63 -0.75 44.58 -17.98
C HIS A 63 -0.36 45.08 -19.38
N LEU A 64 -0.98 44.54 -20.44
CA LEU A 64 -1.08 45.15 -21.79
C LEU A 64 -2.31 46.06 -21.86
N LYS A 65 -3.43 45.59 -21.30
CA LYS A 65 -4.66 46.41 -21.07
C LYS A 65 -4.37 47.53 -20.06
N VAL A 66 -3.21 47.50 -19.40
CA VAL A 66 -2.60 48.66 -18.67
C VAL A 66 -1.12 48.76 -19.05
N THR A 71 4.31 47.72 -26.74
CA THR A 71 4.46 46.59 -25.80
C THR A 71 4.43 45.26 -26.57
N THR A 72 5.05 44.22 -25.98
CA THR A 72 4.98 42.80 -26.44
C THR A 72 4.44 41.94 -25.29
N GLN A 73 3.63 40.94 -25.63
CA GLN A 73 3.04 39.99 -24.64
C GLN A 73 4.11 38.95 -24.25
N VAL A 74 4.24 38.72 -22.93
CA VAL A 74 5.09 37.67 -22.30
C VAL A 74 4.23 36.86 -21.33
N GLU A 75 4.66 35.65 -20.99
CA GLU A 75 3.98 34.80 -19.97
C GLU A 75 4.15 35.48 -18.60
N ARG A 76 3.11 35.38 -17.76
CA ARG A 76 2.95 36.15 -16.50
C ARG A 76 4.20 36.01 -15.65
N ASN A 77 4.70 34.78 -15.55
CA ASN A 77 5.94 34.44 -14.82
C ASN A 77 7.01 35.47 -15.13
N ALA A 78 7.08 35.93 -16.38
CA ALA A 78 8.12 36.84 -16.92
C ALA A 78 7.71 38.31 -16.81
N CYS A 79 6.44 38.60 -16.53
CA CYS A 79 5.89 39.97 -16.34
C CYS A 79 6.44 40.56 -15.03
N LEU A 80 6.64 41.88 -14.99
CA LEU A 80 7.18 42.62 -13.81
C LEU A 80 6.06 43.30 -13.01
N PHE A 81 4.92 43.55 -13.65
CA PHE A 81 3.72 44.19 -13.05
C PHE A 81 2.84 43.14 -12.39
N CYS A 82 3.19 41.86 -12.56
CA CYS A 82 2.75 40.71 -11.73
C CYS A 82 3.81 40.47 -10.65
N LYS A 83 5.06 40.32 -11.06
CA LYS A 83 6.20 40.05 -10.16
C LYS A 83 6.37 41.18 -9.14
N ALA A 84 5.83 42.38 -9.40
CA ALA A 84 5.86 43.56 -8.50
C ALA A 84 5.31 43.18 -7.11
N ARG A 85 4.12 42.60 -7.13
CA ARG A 85 3.18 42.51 -6.00
C ARG A 85 3.74 41.60 -4.90
N LYS A 86 4.35 40.47 -5.24
CA LYS A 86 4.81 39.46 -4.23
C LYS A 86 5.50 40.21 -3.08
N LEU A 87 4.99 40.08 -1.84
CA LEU A 87 5.47 40.84 -0.66
C LEU A 87 6.68 40.13 -0.04
N ASP A 88 7.56 40.91 0.58
CA ASP A 88 8.81 40.46 1.26
C ASP A 88 8.67 40.59 2.77
N ASP A 89 9.56 39.93 3.51
CA ASP A 89 9.51 39.79 4.99
C ASP A 89 9.53 41.16 5.68
N LYS A 90 10.14 42.19 5.07
CA LYS A 90 10.15 43.61 5.58
C LYS A 90 8.74 44.03 6.00
N PHE A 91 7.78 43.86 5.09
CA PHE A 91 6.34 44.18 5.25
C PHE A 91 5.71 43.30 6.33
N TYR A 92 5.88 41.98 6.22
CA TYR A 92 5.29 40.98 7.15
C TYR A 92 5.80 41.23 8.58
N GLN A 93 7.00 41.77 8.77
CA GLN A 93 7.53 42.19 10.10
C GLN A 93 6.87 43.48 10.56
N LYS A 94 6.75 44.49 9.68
CA LYS A 94 5.96 45.73 9.92
C LYS A 94 4.51 45.39 10.32
N LEU A 95 3.99 44.25 9.86
CA LEU A 95 2.60 43.74 10.13
C LEU A 95 2.56 43.01 11.49
N ARG A 96 3.43 42.03 11.71
CA ARG A 96 3.54 41.33 13.01
C ARG A 96 3.74 42.36 14.13
N GLY A 97 4.34 43.51 13.81
CA GLY A 97 4.39 44.68 14.71
C GLY A 97 3.02 45.34 14.85
N GLN A 98 2.52 45.97 13.79
CA GLN A 98 1.23 46.74 13.80
C GLN A 98 0.16 45.91 14.51
N PHE A 99 -0.25 44.78 13.94
CA PHE A 99 -1.37 43.91 14.40
C PHE A 99 -0.81 42.67 15.09
N PRO A 100 -0.61 42.68 16.43
CA PRO A 100 0.13 41.61 17.09
C PRO A 100 -0.67 40.30 17.31
N ASP A 101 -2.00 40.35 17.16
CA ASP A 101 -2.90 39.19 17.42
C ASP A 101 -3.21 38.42 16.14
N ALA A 102 -3.10 39.07 14.96
CA ALA A 102 -3.29 38.45 13.62
C ALA A 102 -2.48 37.16 13.50
N VAL A 103 -2.91 36.27 12.60
CA VAL A 103 -2.42 34.87 12.46
C VAL A 103 -1.71 34.67 11.12
N PHE A 104 -0.49 34.13 11.17
CA PHE A 104 0.41 33.90 10.02
C PHE A 104 0.78 32.41 9.95
N TRP A 105 1.49 32.04 8.90
CA TRP A 105 1.67 30.62 8.51
C TRP A 105 2.42 29.81 9.56
N GLN A 106 3.34 30.41 10.30
CA GLN A 106 4.22 29.61 11.18
C GLN A 106 3.34 29.01 12.26
N GLU A 107 2.70 29.85 13.07
CA GLU A 107 1.88 29.40 14.21
C GLU A 107 0.80 28.44 13.71
N ILE A 108 0.22 28.66 12.53
CA ILE A 108 -0.86 27.78 11.99
C ILE A 108 -0.29 26.44 11.61
N SER A 109 0.87 26.41 10.99
CA SER A 109 1.46 25.13 10.55
C SER A 109 1.88 24.32 11.77
N GLU A 110 2.39 25.00 12.81
CA GLU A 110 2.80 24.36 14.10
C GLU A 110 1.56 23.75 14.74
N ILE A 111 0.49 24.54 14.86
CA ILE A 111 -0.83 24.07 15.38
C ILE A 111 -1.30 22.84 14.61
N PHE A 112 -1.43 22.89 13.29
CA PHE A 112 -1.96 21.72 12.54
C PHE A 112 -1.03 20.53 12.71
N ARG A 113 0.28 20.72 12.86
CA ARG A 113 1.20 19.56 13.04
C ARG A 113 0.90 18.94 14.40
N GLN A 114 0.69 19.78 15.41
CA GLN A 114 0.28 19.31 16.75
C GLN A 114 -1.03 18.54 16.65
N LEU A 115 -2.05 19.09 15.97
CA LEU A 115 -3.44 18.52 15.94
C LEU A 115 -3.41 17.23 15.17
N GLN A 116 -2.57 17.07 14.17
CA GLN A 116 -2.54 15.79 13.46
C GLN A 116 -1.99 14.68 14.37
N LYS A 117 -1.02 15.01 15.24
CA LYS A 117 -0.41 14.04 16.20
C LYS A 117 -1.38 13.73 17.34
N GLN A 118 -1.90 14.77 17.97
CA GLN A 118 -2.88 14.61 19.06
C GLN A 118 -4.08 13.83 18.52
N ALA A 119 -4.53 14.07 17.29
CA ALA A 119 -5.72 13.37 16.75
C ALA A 119 -5.41 11.90 16.65
N ALA A 120 -4.26 11.50 16.13
CA ALA A 120 -3.98 10.06 15.96
C ALA A 120 -3.80 9.40 17.31
N GLU A 121 -3.16 10.08 18.26
CA GLU A 121 -3.04 9.57 19.65
C GLU A 121 -4.44 9.31 20.22
N ILE A 122 -5.34 10.27 20.12
CA ILE A 122 -6.74 10.08 20.58
C ILE A 122 -7.37 8.92 19.84
N TYR A 123 -7.37 8.88 18.52
CA TYR A 123 -8.03 7.78 17.75
C TYR A 123 -7.62 6.43 18.31
N ASN A 124 -6.34 6.24 18.62
CA ASN A 124 -5.83 4.93 19.14
C ASN A 124 -6.25 4.72 20.59
N GLN A 125 -5.91 5.59 21.52
CA GLN A 125 -6.29 5.38 22.93
C GLN A 125 -7.81 5.30 23.06
N SER A 126 -8.57 5.93 22.17
CA SER A 126 -10.04 5.92 22.26
C SER A 126 -10.52 4.56 21.78
N LEU A 127 -10.11 4.07 20.62
CA LEU A 127 -10.55 2.71 20.26
C LEU A 127 -10.28 1.76 21.42
N ILE A 128 -9.14 1.83 22.10
CA ILE A 128 -8.82 0.88 23.20
C ILE A 128 -9.78 1.16 24.34
N GLU A 129 -9.96 2.39 24.78
CA GLU A 129 -10.86 2.61 25.94
C GLU A 129 -12.27 2.10 25.61
N LEU A 130 -12.65 2.19 24.33
CA LEU A 130 -14.00 1.82 23.84
C LEU A 130 -14.14 0.30 23.90
N TYR A 131 -13.18 -0.41 23.31
CA TYR A 131 -13.10 -1.88 23.35
C TYR A 131 -13.23 -2.32 24.80
N TYR A 132 -12.57 -1.62 25.73
CA TYR A 132 -12.53 -2.05 27.14
C TYR A 132 -13.89 -1.82 27.77
N GLU A 133 -14.55 -0.69 27.50
CA GLU A 133 -15.85 -0.35 28.13
C GLU A 133 -16.99 -1.13 27.49
N ILE A 134 -16.80 -1.79 26.34
CA ILE A 134 -17.91 -2.55 25.70
C ILE A 134 -17.78 -4.03 26.04
N PHE A 135 -16.62 -4.65 25.87
CA PHE A 135 -16.43 -6.13 25.98
C PHE A 135 -15.92 -6.52 27.36
N ILE A 136 -14.91 -5.83 27.88
CA ILE A 136 -14.25 -6.22 29.15
C ILE A 136 -15.16 -5.79 30.31
N LYS A 137 -15.44 -4.50 30.43
CA LYS A 137 -16.23 -3.95 31.56
C LYS A 137 -17.69 -4.36 31.36
N GLY A 138 -18.21 -4.09 30.16
CA GLY A 138 -19.61 -4.36 29.79
C GLY A 138 -19.95 -5.82 29.98
N LYS A 139 -19.11 -6.70 29.44
CA LYS A 139 -19.37 -8.16 29.32
C LYS A 139 -20.14 -8.38 28.00
N GLY A 140 -19.89 -7.51 27.01
CA GLY A 140 -20.29 -7.70 25.60
C GLY A 140 -21.76 -7.38 25.37
N ILE A 141 -22.45 -6.82 26.36
CA ILE A 141 -23.94 -6.69 26.27
C ILE A 141 -24.22 -5.38 25.51
N ALA A 142 -23.94 -5.38 24.21
CA ALA A 142 -23.99 -4.16 23.37
C ALA A 142 -24.57 -4.52 22.00
N ASN A 143 -25.43 -3.64 21.49
CA ASN A 143 -26.00 -3.72 20.12
C ASN A 143 -25.48 -2.50 19.36
N ALA A 144 -26.09 -2.16 18.23
CA ALA A 144 -25.63 -1.11 17.30
C ALA A 144 -26.02 0.30 17.78
N SER A 145 -26.85 0.45 18.81
CA SER A 145 -27.36 1.75 19.31
C SER A 145 -26.69 2.12 20.63
N SER A 146 -26.40 1.15 21.48
CA SER A 146 -25.55 1.39 22.67
C SER A 146 -24.16 1.80 22.20
N VAL A 147 -23.80 1.53 20.94
CA VAL A 147 -22.51 2.00 20.38
C VAL A 147 -22.55 3.52 20.17
N GLU A 148 -23.67 4.11 19.73
CA GLU A 148 -23.81 5.59 19.72
C GLU A 148 -23.53 6.06 21.13
N HIS A 149 -24.14 5.41 22.12
CA HIS A 149 -23.97 5.83 23.52
C HIS A 149 -22.49 5.82 23.88
N TYR A 150 -21.82 4.69 23.67
CA TYR A 150 -20.42 4.49 24.13
C TYR A 150 -19.50 5.45 23.39
N LEU A 151 -19.68 5.61 22.09
CA LEU A 151 -18.88 6.57 21.31
C LEU A 151 -18.96 7.94 21.97
N SER A 152 -20.14 8.50 22.15
CA SER A 152 -20.27 9.86 22.73
C SER A 152 -19.61 9.90 24.11
N ASP A 153 -19.96 8.98 25.01
CA ASP A 153 -19.40 8.97 26.40
C ASP A 153 -17.87 8.87 26.36
N VAL A 154 -17.33 7.70 26.02
CA VAL A 154 -15.86 7.45 25.97
C VAL A 154 -15.15 8.40 25.00
N CYS A 155 -15.39 8.25 23.71
CA CYS A 155 -14.52 8.79 22.64
C CYS A 155 -14.67 10.29 22.50
N TYR A 156 -15.88 10.82 22.53
CA TYR A 156 -16.06 12.29 22.48
C TYR A 156 -15.49 12.87 23.75
N THR A 157 -15.80 12.33 24.91
CA THR A 157 -15.37 12.97 26.17
C THR A 157 -13.84 13.05 26.18
N ARG A 158 -13.13 12.00 25.74
CA ARG A 158 -11.64 12.00 25.73
C ARG A 158 -11.13 13.16 24.88
N ALA A 159 -11.67 13.29 23.67
CA ALA A 159 -11.23 14.30 22.69
C ALA A 159 -11.55 15.68 23.24
N ALA A 160 -12.65 15.84 23.95
CA ALA A 160 -13.12 17.14 24.47
C ALA A 160 -12.28 17.57 25.67
N GLU A 161 -11.74 16.64 26.44
CA GLU A 161 -10.79 16.99 27.54
C GLU A 161 -9.50 17.52 26.92
N LEU A 162 -9.09 16.97 25.77
CA LEU A 162 -7.80 17.31 25.12
C LEU A 162 -7.93 18.61 24.33
N PHE A 163 -8.82 18.63 23.34
CA PHE A 163 -8.89 19.67 22.30
C PHE A 163 -9.76 20.83 22.76
N LYS A 164 -10.66 20.64 23.70
CA LYS A 164 -11.53 21.73 24.23
C LYS A 164 -12.11 22.50 23.03
N ASN A 165 -12.65 21.77 22.06
CA ASN A 165 -13.15 22.30 20.78
C ASN A 165 -14.07 21.23 20.20
N ALA A 166 -15.38 21.44 20.36
CA ALA A 166 -16.40 20.42 20.07
C ALA A 166 -16.23 19.95 18.64
N ALA A 167 -15.73 20.79 17.73
CA ALA A 167 -15.72 20.49 16.28
C ALA A 167 -14.70 19.40 16.02
N ILE A 168 -13.53 19.48 16.64
CA ILE A 168 -12.48 18.42 16.49
C ILE A 168 -12.93 17.18 17.28
N ALA A 169 -13.60 17.37 18.40
CA ALA A 169 -14.05 16.25 19.26
C ALA A 169 -15.14 15.48 18.51
N SER A 170 -16.09 16.20 17.94
CA SER A 170 -17.22 15.62 17.18
C SER A 170 -16.72 15.02 15.86
N GLY A 171 -15.64 15.57 15.32
CA GLY A 171 -14.98 15.08 14.11
C GLY A 171 -14.31 13.78 14.40
N LEU A 172 -13.74 13.65 15.59
CA LEU A 172 -13.05 12.40 15.97
C LEU A 172 -14.09 11.34 16.31
N ARG A 173 -15.17 11.71 16.97
CA ARG A 173 -16.27 10.76 17.23
C ARG A 173 -16.53 10.02 15.93
N SER A 174 -16.63 10.77 14.83
CA SER A 174 -17.07 10.22 13.53
C SER A 174 -15.94 9.40 12.92
N LYS A 175 -14.72 9.91 12.96
CA LYS A 175 -13.57 9.20 12.36
C LYS A 175 -13.35 7.86 13.09
N ILE A 176 -13.72 7.74 14.37
CA ILE A 176 -13.69 6.45 15.11
C ILE A 176 -14.89 5.63 14.68
N LYS A 177 -16.08 6.19 14.78
CA LYS A 177 -17.34 5.45 14.48
C LYS A 177 -17.18 4.71 13.15
N SER A 178 -16.41 5.26 12.22
CA SER A 178 -16.18 4.70 10.87
C SER A 178 -15.42 3.38 10.94
N ASN A 179 -14.50 3.23 11.91
CA ASN A 179 -13.54 2.10 11.90
C ASN A 179 -13.84 1.11 13.02
N PHE A 180 -14.78 1.40 13.91
CA PHE A 180 -15.15 0.47 15.00
C PHE A 180 -16.35 -0.35 14.56
N ARG A 181 -16.14 -1.62 14.24
CA ARG A 181 -17.21 -2.55 13.80
C ARG A 181 -17.55 -3.49 14.95
N LEU A 182 -18.73 -3.37 15.58
CA LEU A 182 -19.02 -4.08 16.86
C LEU A 182 -19.24 -5.59 16.61
N LYS A 183 -19.98 -5.99 15.58
CA LYS A 183 -20.27 -7.44 15.39
C LYS A 183 -19.00 -8.17 14.92
N GLU A 184 -18.19 -7.55 14.06
CA GLU A 184 -16.88 -8.11 13.64
C GLU A 184 -15.90 -8.17 14.83
N LEU A 185 -15.98 -7.21 15.74
CA LEU A 185 -15.05 -7.11 16.89
C LEU A 185 -15.51 -8.03 17.99
N LYS A 186 -16.77 -8.43 18.04
CA LYS A 186 -17.26 -9.32 19.12
C LYS A 186 -16.96 -10.77 18.74
N ASN A 187 -17.16 -11.11 17.47
CA ASN A 187 -16.93 -12.47 16.94
C ASN A 187 -15.47 -12.59 16.47
N MET A 188 -14.66 -11.58 16.74
CA MET A 188 -13.20 -11.65 16.53
C MET A 188 -12.90 -12.00 15.06
N LYS A 189 -13.67 -11.45 14.14
CA LYS A 189 -13.44 -11.60 12.69
C LYS A 189 -12.53 -10.46 12.22
N SER A 190 -11.90 -9.75 13.16
CA SER A 190 -10.86 -8.71 12.91
C SER A 190 -10.33 -8.14 14.24
N GLY A 191 -9.34 -7.27 14.14
CA GLY A 191 -8.64 -6.65 15.27
C GLY A 191 -8.98 -5.19 15.40
N LEU A 192 -8.99 -4.67 16.63
CA LEU A 192 -9.08 -3.23 16.96
C LEU A 192 -8.20 -2.46 15.99
N PRO A 193 -8.76 -1.48 15.25
CA PRO A 193 -8.01 -0.65 14.33
C PRO A 193 -7.04 0.30 15.03
N THR A 194 -5.90 0.57 14.42
CA THR A 194 -4.86 1.46 14.98
C THR A 194 -4.15 2.16 13.85
N THR A 195 -3.91 3.44 14.00
CA THR A 195 -3.33 4.27 12.93
C THR A 195 -1.84 4.43 13.21
N LYS A 196 -1.02 4.20 12.19
CA LYS A 196 0.45 4.30 12.29
C LYS A 196 0.89 5.33 11.25
N SER A 197 0.32 6.54 11.25
CA SER A 197 0.51 7.51 10.12
C SER A 197 1.07 8.82 10.61
N ASP A 198 2.05 9.35 9.85
CA ASP A 198 2.73 10.65 10.03
C ASP A 198 1.70 11.76 9.90
N ASN A 199 0.81 11.58 8.92
CA ASN A 199 -0.10 12.59 8.31
C ASN A 199 -1.51 12.04 8.46
N PHE A 200 -2.09 12.23 9.64
CA PHE A 200 -3.46 11.76 9.93
C PHE A 200 -4.31 13.01 9.85
N PRO A 201 -5.43 13.02 9.09
CA PRO A 201 -6.29 14.17 9.04
C PRO A 201 -6.75 14.69 10.39
N ILE A 202 -6.91 15.99 10.50
CA ILE A 202 -7.74 16.59 11.56
C ILE A 202 -9.14 16.60 11.02
N PRO A 203 -10.13 15.88 11.57
CA PRO A 203 -11.50 16.01 11.11
C PRO A 203 -12.14 17.20 11.82
N LEU A 204 -13.29 17.63 11.33
CA LEU A 204 -13.93 18.84 11.87
C LEU A 204 -15.39 18.87 11.49
N VAL A 205 -16.27 18.91 12.46
CA VAL A 205 -17.73 18.79 12.24
C VAL A 205 -18.38 20.04 12.76
N LYS A 206 -18.96 20.81 11.90
CA LYS A 206 -19.96 21.80 12.32
C LYS A 206 -21.27 21.32 11.72
N GLN A 207 -22.35 21.41 12.48
CA GLN A 207 -23.66 20.85 12.09
C GLN A 207 -24.35 21.74 11.07
N LYS A 208 -25.07 21.15 10.11
CA LYS A 208 -25.74 21.89 9.02
C LYS A 208 -27.20 21.44 8.91
N GLY A 209 -28.05 22.30 8.37
CA GLY A 209 -29.44 21.98 8.01
C GLY A 209 -30.38 22.19 9.18
N GLY A 210 -31.51 22.84 8.91
CA GLY A 210 -32.45 23.35 9.91
C GLY A 210 -32.08 24.76 10.30
N GLN A 211 -31.79 24.97 11.59
CA GLN A 211 -31.34 26.27 12.15
C GLN A 211 -29.82 26.40 12.00
N TYR A 212 -29.12 25.34 11.58
CA TYR A 212 -27.64 25.27 11.46
C TYR A 212 -27.22 25.37 9.99
N THR A 213 -25.96 25.76 9.78
CA THR A 213 -25.42 26.18 8.45
C THR A 213 -24.12 25.48 8.07
N GLY A 214 -23.48 24.76 8.99
CA GLY A 214 -22.12 24.21 8.81
C GLY A 214 -21.09 25.32 8.91
N PHE A 215 -19.91 25.07 8.35
CA PHE A 215 -18.74 25.98 8.43
C PHE A 215 -19.05 27.27 7.74
N GLU A 216 -18.74 28.41 8.37
CA GLU A 216 -18.86 29.75 7.73
C GLU A 216 -17.93 29.83 6.52
N ILE A 217 -18.49 29.70 5.33
CA ILE A 217 -17.81 30.03 4.05
C ILE A 217 -18.12 31.49 3.74
N SER A 218 -17.10 32.28 3.42
CA SER A 218 -17.23 33.64 2.87
C SER A 218 -16.54 33.74 1.51
N ASN A 219 -16.91 34.76 0.75
CA ASN A 219 -16.20 35.14 -0.51
C ASN A 219 -16.04 36.66 -0.51
N HIS A 220 -14.86 37.11 -0.11
CA HIS A 220 -14.40 38.52 -0.19
C HIS A 220 -13.65 38.67 -1.51
N ASN A 221 -14.14 39.56 -2.38
CA ASN A 221 -13.63 39.86 -3.75
C ASN A 221 -13.40 38.57 -4.53
N SER A 222 -14.36 37.63 -4.43
CA SER A 222 -14.35 36.30 -5.08
C SER A 222 -13.06 35.56 -4.71
N ASP A 223 -12.93 35.24 -3.43
CA ASP A 223 -11.93 34.31 -2.88
C ASP A 223 -12.69 33.37 -1.94
N PHE A 224 -12.24 32.14 -1.75
CA PHE A 224 -12.99 31.09 -1.05
C PHE A 224 -12.41 30.99 0.35
N ILE A 225 -12.98 31.75 1.29
CA ILE A 225 -12.57 31.72 2.72
C ILE A 225 -13.47 30.77 3.50
N ILE A 226 -12.91 29.89 4.33
CA ILE A 226 -13.65 29.01 5.27
C ILE A 226 -13.15 29.38 6.66
N LYS A 227 -14.05 29.51 7.63
CA LYS A 227 -13.70 29.92 9.02
C LYS A 227 -13.96 28.73 9.93
N ILE A 228 -12.92 28.24 10.59
CA ILE A 228 -12.98 27.07 11.50
C ILE A 228 -12.96 27.54 12.95
N PRO A 229 -13.92 27.11 13.80
CA PRO A 229 -14.04 27.64 15.16
C PRO A 229 -12.91 27.09 16.03
N PHE A 230 -12.19 27.99 16.69
CA PHE A 230 -10.97 27.70 17.46
C PHE A 230 -10.87 28.60 18.69
N GLY A 231 -10.15 28.09 19.69
CA GLY A 231 -9.87 28.83 20.92
C GLY A 231 -8.45 29.36 20.93
N ARG A 232 -8.23 30.43 21.69
CA ARG A 232 -6.91 31.04 21.94
C ARG A 232 -5.88 29.95 22.16
N TRP A 233 -4.64 30.15 21.73
CA TRP A 233 -3.49 29.23 21.99
C TRP A 233 -2.34 30.03 22.64
N GLN A 234 -1.85 29.56 23.79
CA GLN A 234 -0.65 30.10 24.48
C GLN A 234 0.39 28.98 24.54
N VAL A 235 1.61 29.25 24.05
CA VAL A 235 2.72 28.26 23.95
C VAL A 235 3.02 27.69 25.34
N LYS A 236 3.29 26.39 25.41
CA LYS A 236 3.55 25.62 26.66
C LYS A 236 4.84 26.14 27.31
N LYS A 237 4.83 26.35 28.64
CA LYS A 237 6.00 26.81 29.41
C LYS A 237 7.08 25.71 29.38
N GLU A 238 6.80 24.56 30.00
CA GLU A 238 7.71 23.38 30.04
C GLU A 238 7.31 22.40 28.93
N ILE A 239 8.00 22.49 27.79
CA ILE A 239 7.79 21.62 26.60
C ILE A 239 8.62 20.34 26.79
N ASP A 240 8.04 19.18 26.48
CA ASP A 240 8.73 17.86 26.54
C ASP A 240 9.97 17.91 25.64
N LYS A 241 10.99 17.14 25.98
CA LYS A 241 12.26 17.01 25.20
C LYS A 241 12.05 15.98 24.09
N TYR A 242 11.25 14.95 24.36
CA TYR A 242 11.16 13.70 23.55
C TYR A 242 10.09 13.87 22.47
N ARG A 243 9.06 14.69 22.72
CA ARG A 243 8.05 15.06 21.69
C ARG A 243 7.90 16.57 21.70
N PRO A 244 8.65 17.27 20.82
CA PRO A 244 8.73 18.73 20.85
C PRO A 244 7.51 19.36 20.17
N TRP A 245 6.77 18.55 19.39
CA TRP A 245 5.66 19.05 18.54
C TRP A 245 4.56 19.60 19.43
N GLU A 246 4.33 18.99 20.59
CA GLU A 246 3.28 19.45 21.53
C GLU A 246 3.70 20.82 22.10
N LYS A 247 3.45 21.90 21.35
CA LYS A 247 3.95 23.27 21.64
C LYS A 247 2.87 24.14 22.28
N PHE A 248 1.58 23.88 22.03
CA PHE A 248 0.51 24.85 22.38
C PHE A 248 -0.56 24.19 23.24
N ASP A 249 -1.28 25.07 23.95
CA ASP A 249 -2.21 24.74 25.06
C ASP A 249 -3.50 25.52 24.82
N PHE A 250 -4.46 24.88 24.15
CA PHE A 250 -5.69 25.52 23.62
C PHE A 250 -6.63 25.85 24.76
N GLU A 251 -7.06 27.12 24.84
CA GLU A 251 -8.23 27.54 25.63
C GLU A 251 -9.47 26.87 25.02
N GLN A 252 -10.61 26.95 25.71
CA GLN A 252 -11.90 26.42 25.23
C GLN A 252 -12.53 27.48 24.33
N VAL A 253 -13.21 27.05 23.28
CA VAL A 253 -13.71 27.96 22.22
C VAL A 253 -14.89 28.73 22.80
N GLN A 254 -15.74 28.05 23.58
CA GLN A 254 -16.92 28.69 24.19
C GLN A 254 -16.46 29.77 25.17
N LYS A 255 -15.36 29.53 25.88
CA LYS A 255 -14.79 30.44 26.91
C LYS A 255 -14.20 31.69 26.22
N SER A 256 -13.13 31.50 25.43
CA SER A 256 -12.22 32.57 24.93
C SER A 256 -11.73 32.24 23.53
N PRO A 257 -12.55 32.52 22.49
CA PRO A 257 -12.30 32.03 21.14
C PRO A 257 -11.34 32.86 20.28
N LYS A 258 -10.57 32.19 19.42
CA LYS A 258 -9.71 32.80 18.39
C LYS A 258 -9.85 31.97 17.12
N PRO A 259 -10.87 32.24 16.27
CA PRO A 259 -11.10 31.42 15.08
C PRO A 259 -9.99 31.54 14.04
N ILE A 260 -9.78 30.49 13.25
CA ILE A 260 -8.75 30.44 12.17
C ILE A 260 -9.50 30.47 10.85
N SER A 261 -9.35 31.54 10.09
CA SER A 261 -9.92 31.65 8.72
C SER A 261 -8.83 31.30 7.70
N LEU A 262 -9.15 30.44 6.75
CA LEU A 262 -8.20 29.99 5.70
C LEU A 262 -8.73 30.49 4.36
N LEU A 263 -7.85 31.11 3.56
CA LEU A 263 -8.02 31.41 2.11
C LEU A 263 -7.65 30.18 1.32
N LEU A 264 -8.56 29.65 0.51
CA LEU A 264 -8.39 28.43 -0.28
C LEU A 264 -8.28 28.82 -1.75
N SER A 265 -7.50 28.09 -2.53
CA SER A 265 -7.12 28.49 -3.91
C SER A 265 -8.18 28.03 -4.91
N THR A 266 -8.60 29.01 -5.69
CA THR A 266 -9.72 28.99 -6.66
C THR A 266 -9.31 29.86 -7.85
N GLN A 267 -8.05 29.83 -8.27
CA GLN A 267 -7.52 30.72 -9.32
C GLN A 267 -7.41 29.89 -10.58
N ARG A 268 -6.70 28.76 -10.50
CA ARG A 268 -6.56 27.84 -11.65
C ARG A 268 -7.95 27.32 -12.05
N ARG A 269 -8.88 27.16 -11.10
CA ARG A 269 -10.26 26.72 -11.38
C ARG A 269 -11.01 27.86 -12.04
N LYS A 270 -10.79 29.09 -11.62
CA LYS A 270 -11.44 30.25 -12.26
C LYS A 270 -11.03 30.34 -13.73
N ARG A 271 -10.04 29.58 -14.19
CA ARG A 271 -9.62 29.58 -15.61
C ARG A 271 -10.08 28.31 -16.34
N ASN A 272 -10.75 27.39 -15.67
CA ASN A 272 -10.83 25.98 -16.12
C ASN A 272 -11.91 25.77 -17.20
N LYS A 273 -12.67 26.78 -17.61
CA LYS A 273 -13.65 26.65 -18.74
C LYS A 273 -14.89 25.87 -18.27
N GLY A 274 -14.72 24.99 -17.30
CA GLY A 274 -15.80 24.49 -16.45
C GLY A 274 -16.28 25.51 -15.43
N TRP A 275 -15.66 26.67 -15.29
CA TRP A 275 -16.11 27.70 -14.31
C TRP A 275 -17.30 28.46 -14.87
N SER A 276 -17.59 28.32 -16.16
CA SER A 276 -18.78 28.88 -16.84
C SER A 276 -19.71 27.73 -17.27
N LYS A 277 -20.03 26.84 -16.33
CA LYS A 277 -20.86 25.62 -16.54
C LYS A 277 -21.78 25.38 -15.34
N ASP A 278 -22.86 24.62 -15.57
CA ASP A 278 -23.99 24.36 -14.65
C ASP A 278 -23.79 23.04 -13.88
N GLU A 279 -22.95 22.13 -14.39
CA GLU A 279 -22.58 20.87 -13.70
C GLU A 279 -21.05 20.78 -13.55
N GLY A 280 -20.61 20.13 -12.47
CA GLY A 280 -19.22 19.67 -12.27
C GLY A 280 -18.45 20.48 -11.23
N THR A 281 -17.26 19.97 -10.92
CA THR A 281 -16.44 20.38 -9.76
C THR A 281 -16.41 21.90 -9.67
N GLU A 282 -16.24 22.60 -10.79
CA GLU A 282 -16.12 24.08 -10.74
C GLU A 282 -17.45 24.69 -10.28
N ALA A 283 -18.58 24.13 -10.72
CA ALA A 283 -19.91 24.63 -10.36
C ALA A 283 -20.21 24.30 -8.89
N GLU A 284 -19.78 23.14 -8.40
CA GLU A 284 -19.89 22.74 -6.96
C GLU A 284 -19.11 23.75 -6.11
N ILE A 285 -17.90 24.13 -6.51
CA ILE A 285 -17.08 25.13 -5.78
C ILE A 285 -17.80 26.47 -5.81
N LYS A 286 -18.32 26.90 -6.97
CA LYS A 286 -19.08 28.17 -7.09
C LYS A 286 -20.27 28.17 -6.15
N LYS A 287 -20.94 27.03 -5.97
CA LYS A 287 -22.12 26.89 -5.08
C LYS A 287 -21.70 26.99 -3.62
N VAL A 288 -20.58 26.38 -3.24
CA VAL A 288 -20.15 26.33 -1.82
C VAL A 288 -19.72 27.72 -1.41
N MET A 289 -19.11 28.46 -2.33
CA MET A 289 -18.74 29.88 -2.14
C MET A 289 -20.00 30.74 -2.08
N ASN A 290 -21.01 30.45 -2.88
CA ASN A 290 -22.24 31.29 -2.94
C ASN A 290 -23.12 31.08 -1.70
N GLY A 291 -23.07 29.89 -1.09
CA GLY A 291 -23.86 29.55 0.12
C GLY A 291 -24.99 28.56 -0.16
N ASP A 292 -25.12 28.10 -1.41
CA ASP A 292 -26.20 27.20 -1.90
C ASP A 292 -25.97 25.79 -1.35
N TYR A 293 -24.73 25.31 -1.42
CA TYR A 293 -24.30 24.08 -0.72
C TYR A 293 -23.64 24.49 0.60
N GLN A 294 -24.01 23.80 1.68
CA GLN A 294 -23.39 23.94 3.02
C GLN A 294 -22.47 22.77 3.24
N THR A 295 -21.38 22.99 3.98
CA THR A 295 -20.42 21.95 4.36
C THR A 295 -20.57 21.72 5.85
N SER A 296 -20.43 20.49 6.30
CA SER A 296 -20.52 20.13 7.73
C SER A 296 -19.40 19.16 8.13
N TYR A 297 -18.52 18.82 7.20
CA TYR A 297 -17.34 18.01 7.51
C TYR A 297 -16.26 18.68 6.69
N ILE A 298 -15.14 19.00 7.33
CA ILE A 298 -13.88 19.32 6.64
C ILE A 298 -12.87 18.40 7.24
N GLU A 299 -11.76 18.23 6.57
CA GLU A 299 -10.76 17.22 6.97
C GLU A 299 -9.44 17.71 6.42
N VAL A 300 -8.62 18.26 7.29
CA VAL A 300 -7.38 18.97 6.90
C VAL A 300 -6.20 18.04 7.01
N LYS A 301 -5.38 17.96 5.98
CA LYS A 301 -4.12 17.24 6.10
C LYS A 301 -3.09 17.71 5.11
N ARG A 302 -1.84 17.31 5.30
CA ARG A 302 -0.71 17.86 4.53
C ARG A 302 -0.62 17.19 3.18
N GLY A 303 -0.08 17.90 2.21
CA GLY A 303 0.07 17.41 0.84
C GLY A 303 1.47 16.90 0.62
N SER A 304 2.34 17.78 0.10
CA SER A 304 3.74 17.51 -0.29
C SER A 304 4.66 18.57 0.33
N LYS A 305 5.87 18.16 0.75
CA LYS A 305 6.90 19.08 1.31
C LYS A 305 7.38 20.00 0.19
N ILE A 306 7.41 21.30 0.46
CA ILE A 306 7.63 22.39 -0.55
C ILE A 306 9.02 22.99 -0.30
N GLY A 307 9.28 23.38 0.94
CA GLY A 307 10.64 23.59 1.50
C GLY A 307 10.84 22.66 2.67
N GLU A 308 11.11 23.21 3.85
CA GLU A 308 10.87 22.53 5.15
C GLU A 308 9.37 22.30 5.31
N LYS A 309 8.57 23.20 4.74
CA LYS A 309 7.13 23.44 5.05
C LYS A 309 6.26 22.92 3.92
N SER A 310 5.07 22.43 4.29
CA SER A 310 4.22 21.51 3.49
C SER A 310 3.15 22.27 2.70
N ALA A 311 2.42 21.57 1.85
CA ALA A 311 1.13 22.02 1.29
C ALA A 311 -0.01 21.49 2.16
N TRP A 312 -0.79 22.38 2.78
CA TRP A 312 -1.95 21.98 3.60
C TRP A 312 -3.23 21.95 2.76
N MET A 313 -3.75 20.75 2.49
CA MET A 313 -5.02 20.54 1.80
C MET A 313 -6.15 20.59 2.80
N LEU A 314 -7.30 21.06 2.36
CA LEU A 314 -8.56 21.09 3.13
C LEU A 314 -9.60 20.40 2.29
N ASN A 315 -10.11 19.25 2.73
CA ASN A 315 -11.06 18.43 1.97
C ASN A 315 -12.49 18.68 2.46
N LEU A 316 -13.16 19.74 1.97
CA LEU A 316 -14.58 20.02 2.28
C LEU A 316 -15.36 18.81 1.84
N SER A 317 -16.50 18.55 2.47
CA SER A 317 -17.42 17.45 2.06
C SER A 317 -18.82 18.02 1.91
N ILE A 318 -19.36 17.99 0.69
CA ILE A 318 -20.71 18.52 0.34
C ILE A 318 -21.61 17.36 -0.07
N ASP A 319 -22.93 17.57 0.00
CA ASP A 319 -23.90 16.66 -0.67
C ASP A 319 -24.62 17.43 -1.77
N VAL A 320 -24.38 16.97 -3.00
CA VAL A 320 -24.92 17.51 -4.29
C VAL A 320 -26.17 16.71 -4.63
N PRO A 321 -27.19 17.32 -5.24
CA PRO A 321 -28.36 16.57 -5.69
C PRO A 321 -28.00 15.67 -6.88
N LYS A 322 -28.97 14.85 -7.32
CA LYS A 322 -28.91 14.03 -8.55
C LYS A 322 -29.21 14.94 -9.73
N ILE A 323 -28.60 14.65 -10.88
CA ILE A 323 -28.72 15.48 -12.12
C ILE A 323 -30.08 15.20 -12.77
N ASP A 324 -30.50 13.93 -12.81
CA ASP A 324 -31.85 13.50 -13.27
C ASP A 324 -32.13 14.08 -14.66
N LYS A 325 -31.28 13.73 -15.62
CA LYS A 325 -31.56 13.77 -17.08
C LYS A 325 -32.21 12.45 -17.46
N GLY A 326 -33.38 12.53 -18.14
CA GLY A 326 -34.36 11.45 -18.29
C GLY A 326 -33.70 10.10 -18.56
N VAL A 327 -33.96 9.12 -17.69
CA VAL A 327 -33.51 7.71 -17.82
C VAL A 327 -34.71 6.80 -17.53
N ASP A 328 -34.80 5.65 -18.19
CA ASP A 328 -35.88 4.65 -17.97
C ASP A 328 -35.27 3.44 -17.29
N PRO A 329 -35.77 3.01 -16.11
CA PRO A 329 -35.53 1.64 -15.62
C PRO A 329 -36.10 0.51 -16.50
N SER A 330 -37.01 0.85 -17.43
CA SER A 330 -37.58 -0.05 -18.50
C SER A 330 -36.48 -0.61 -19.41
N ILE A 331 -35.53 0.23 -19.81
CA ILE A 331 -34.32 -0.15 -20.58
C ILE A 331 -33.26 -0.59 -19.57
N ILE A 332 -32.74 -1.81 -19.70
CA ILE A 332 -31.71 -2.38 -18.79
C ILE A 332 -30.47 -2.64 -19.64
N GLY A 333 -29.29 -2.27 -19.12
CA GLY A 333 -28.01 -2.28 -19.84
C GLY A 333 -27.01 -3.20 -19.18
N GLY A 334 -25.88 -3.39 -19.86
CA GLY A 334 -24.82 -4.35 -19.48
C GLY A 334 -23.43 -3.81 -19.70
N ILE A 335 -22.53 -4.15 -18.78
CA ILE A 335 -21.06 -3.92 -18.89
C ILE A 335 -20.39 -5.26 -18.64
N ALA A 336 -19.46 -5.69 -19.51
CA ALA A 336 -18.64 -6.92 -19.34
C ALA A 336 -17.18 -6.66 -19.72
N VAL A 337 -16.26 -7.34 -19.05
CA VAL A 337 -14.80 -7.20 -19.31
C VAL A 337 -14.48 -8.04 -20.55
N GLY A 338 -13.95 -7.39 -21.60
CA GLY A 338 -13.75 -7.95 -22.95
C GLY A 338 -12.27 -8.17 -23.26
N VAL A 339 -11.98 -9.16 -24.10
CA VAL A 339 -10.59 -9.62 -24.44
C VAL A 339 -9.90 -8.55 -25.31
N LYS A 340 -10.53 -8.12 -26.40
CA LYS A 340 -9.95 -7.13 -27.34
C LYS A 340 -9.86 -5.77 -26.62
N SER A 341 -10.99 -5.33 -26.02
CA SER A 341 -11.16 -4.02 -25.32
C SER A 341 -11.57 -4.24 -23.87
N PRO A 342 -10.97 -3.53 -22.90
CA PRO A 342 -11.08 -3.87 -21.47
C PRO A 342 -12.43 -3.74 -20.76
N LEU A 343 -13.42 -3.10 -21.39
CA LEU A 343 -14.84 -3.02 -20.94
C LEU A 343 -15.69 -2.80 -22.17
N VAL A 344 -16.85 -3.45 -22.24
CA VAL A 344 -17.81 -3.27 -23.38
C VAL A 344 -19.22 -3.18 -22.84
N CYS A 345 -20.03 -2.36 -23.50
CA CYS A 345 -21.36 -1.93 -23.01
C CYS A 345 -22.44 -2.28 -24.02
N ALA A 346 -23.59 -2.72 -23.52
CA ALA A 346 -24.73 -3.28 -24.29
C ALA A 346 -26.07 -2.88 -23.66
N ILE A 347 -27.15 -3.00 -24.43
CA ILE A 347 -28.55 -2.68 -24.04
C ILE A 347 -29.44 -3.87 -24.42
N ASN A 348 -30.42 -4.23 -23.57
CA ASN A 348 -31.23 -5.49 -23.65
C ASN A 348 -31.66 -5.78 -25.09
N ASN A 349 -32.37 -4.86 -25.72
CA ASN A 349 -32.88 -5.00 -27.10
C ASN A 349 -32.81 -3.64 -27.82
N ALA A 350 -31.59 -3.13 -28.05
CA ALA A 350 -31.33 -1.90 -28.84
C ALA A 350 -30.40 -2.20 -30.03
N PHE A 351 -29.26 -2.83 -29.78
CA PHE A 351 -28.20 -3.14 -30.78
C PHE A 351 -27.19 -1.99 -30.87
N SER A 352 -27.33 -0.94 -30.06
CA SER A 352 -26.29 0.11 -29.85
C SER A 352 -25.34 -0.35 -28.73
N ARG A 353 -24.03 -0.12 -28.93
CA ARG A 353 -22.94 -0.67 -28.09
C ARG A 353 -21.96 0.44 -27.72
N TYR A 354 -21.02 0.11 -26.84
CA TYR A 354 -19.79 0.90 -26.63
C TYR A 354 -18.61 -0.04 -26.34
N SER A 355 -17.42 0.35 -26.75
CA SER A 355 -16.16 -0.38 -26.44
C SER A 355 -15.14 0.62 -25.88
N ILE A 356 -14.57 0.31 -24.72
CA ILE A 356 -13.47 1.12 -24.12
C ILE A 356 -12.21 0.80 -24.93
N SER A 357 -11.78 1.74 -25.78
CA SER A 357 -10.52 1.64 -26.58
C SER A 357 -9.32 1.41 -25.65
N ASP A 358 -8.30 0.71 -26.15
CA ASP A 358 -7.11 0.24 -25.38
C ASP A 358 -5.87 0.96 -25.92
N ASN A 359 -5.93 2.28 -26.02
CA ASN A 359 -4.84 3.14 -26.57
C ASN A 359 -4.08 3.76 -25.40
N ASP A 360 -4.80 4.48 -24.53
CA ASP A 360 -4.24 5.15 -23.33
C ASP A 360 -3.74 4.08 -22.35
N LEU A 361 -4.41 2.94 -22.28
CA LEU A 361 -4.01 1.82 -21.39
C LEU A 361 -2.64 1.30 -21.83
N PHE A 362 -2.35 1.33 -23.13
CA PHE A 362 -1.10 0.82 -23.74
C PHE A 362 0.08 1.75 -23.38
N HIS A 363 -0.12 3.06 -23.54
CA HIS A 363 0.81 4.13 -23.06
C HIS A 363 1.12 3.92 -21.56
N PHE A 364 0.11 3.63 -20.76
CA PHE A 364 0.24 3.32 -19.31
C PHE A 364 1.07 2.04 -19.10
N ASN A 365 0.89 1.00 -19.92
CA ASN A 365 1.60 -0.30 -19.75
C ASN A 365 3.08 -0.15 -20.08
N LYS A 366 3.42 0.61 -21.11
CA LYS A 366 4.82 0.99 -21.45
C LYS A 366 5.47 1.75 -20.27
N LYS A 367 4.72 2.64 -19.61
CA LYS A 367 5.25 3.44 -18.46
C LYS A 367 5.46 2.53 -17.25
N MET A 368 4.55 1.62 -16.92
CA MET A 368 4.68 0.82 -15.67
C MET A 368 5.73 -0.27 -15.87
N PHE A 369 6.32 -0.38 -17.05
CA PHE A 369 7.50 -1.24 -17.32
C PHE A 369 8.76 -0.48 -16.91
N ALA A 370 8.82 0.81 -17.24
CA ALA A 370 9.96 1.69 -16.90
C ALA A 370 10.09 1.75 -15.39
N ARG A 371 8.98 1.96 -14.71
CA ARG A 371 8.90 2.17 -13.25
C ARG A 371 8.86 0.79 -12.59
N ARG A 372 9.83 -0.07 -12.90
CA ARG A 372 9.89 -1.46 -12.39
C ARG A 372 11.29 -1.63 -11.81
N ARG A 373 11.52 -1.10 -10.60
CA ARG A 373 12.86 -1.13 -9.95
C ARG A 373 12.94 -2.45 -9.19
N ILE A 374 13.09 -3.55 -9.93
CA ILE A 374 13.05 -4.93 -9.35
C ILE A 374 14.37 -5.17 -8.62
N LEU A 375 15.47 -4.58 -9.12
CA LEU A 375 16.78 -4.71 -8.46
C LEU A 375 16.74 -3.99 -7.10
N LEU A 376 16.53 -2.68 -7.05
CA LEU A 376 16.42 -1.95 -5.76
C LEU A 376 15.45 -2.65 -4.80
N LYS A 377 14.46 -3.35 -5.31
CA LYS A 377 13.46 -4.06 -4.46
C LYS A 377 14.13 -5.27 -3.83
N LYS A 378 15.04 -5.95 -4.53
CA LYS A 378 15.49 -7.31 -4.15
C LYS A 378 16.97 -7.35 -3.75
N ASN A 379 17.83 -6.44 -4.22
CA ASN A 379 19.29 -6.67 -4.08
C ASN A 379 19.64 -6.84 -2.61
N ARG A 380 19.36 -5.83 -1.75
CA ARG A 380 19.68 -5.87 -0.29
C ARG A 380 21.10 -5.37 0.00
N HIS A 381 21.93 -5.21 -1.04
CA HIS A 381 23.18 -4.43 -0.96
C HIS A 381 22.90 -2.98 -1.30
N LYS A 382 21.74 -2.71 -1.90
CA LYS A 382 21.36 -1.38 -2.43
C LYS A 382 20.59 -0.58 -1.39
N ARG A 383 20.89 0.71 -1.27
CA ARG A 383 20.13 1.63 -0.41
C ARG A 383 19.97 0.92 0.94
N ALA A 384 21.05 0.49 1.58
CA ALA A 384 20.93 -0.36 2.79
C ALA A 384 21.62 0.31 3.97
N GLY A 385 20.89 0.41 5.09
CA GLY A 385 21.38 0.77 6.44
C GLY A 385 20.83 2.08 6.96
N HIS A 386 19.64 2.43 6.47
CA HIS A 386 18.82 3.57 6.94
C HIS A 386 17.37 3.13 7.10
N GLY A 387 17.10 1.84 7.04
CA GLY A 387 15.77 1.37 7.37
C GLY A 387 14.89 1.27 6.17
N ALA A 388 13.68 0.78 6.33
CA ALA A 388 12.88 0.32 5.19
C ALA A 388 12.18 1.51 4.54
N LYS A 389 12.01 2.64 5.21
CA LYS A 389 11.33 3.78 4.54
C LYS A 389 12.23 4.23 3.39
N ASN A 390 13.55 4.21 3.60
CA ASN A 390 14.54 4.72 2.61
C ASN A 390 14.97 3.62 1.65
N LYS A 391 14.96 2.37 2.05
CA LYS A 391 15.22 1.23 1.15
C LYS A 391 14.29 1.29 -0.05
N LEU A 392 13.06 1.71 0.16
CA LEU A 392 12.01 1.62 -0.88
C LEU A 392 11.66 2.99 -1.48
N LYS A 393 12.16 4.10 -0.94
CA LYS A 393 11.77 5.46 -1.41
C LYS A 393 11.62 5.46 -2.94
N PRO A 394 12.59 5.01 -3.75
CA PRO A 394 12.43 5.06 -5.20
C PRO A 394 11.17 4.37 -5.73
N ILE A 395 10.87 3.20 -5.20
CA ILE A 395 9.68 2.41 -5.60
C ILE A 395 8.43 3.14 -5.11
N THR A 396 8.37 3.47 -3.83
CA THR A 396 7.28 4.23 -3.21
C THR A 396 6.87 5.41 -4.08
N ILE A 397 7.81 6.21 -4.55
CA ILE A 397 7.50 7.44 -5.34
C ILE A 397 6.95 7.09 -6.71
N LEU A 398 7.31 5.96 -7.27
CA LEU A 398 6.73 5.61 -8.56
C LEU A 398 5.33 5.05 -8.36
N THR A 399 5.05 4.26 -7.34
CA THR A 399 3.65 3.81 -7.15
C THR A 399 2.75 5.02 -6.88
N GLU A 400 3.16 6.02 -6.11
CA GLU A 400 2.30 7.23 -5.93
C GLU A 400 1.97 7.83 -7.31
N LYS A 401 2.94 7.98 -8.21
CA LYS A 401 2.70 8.61 -9.53
C LYS A 401 1.93 7.67 -10.45
N SER A 402 2.06 6.36 -10.28
CA SER A 402 1.36 5.38 -11.14
C SER A 402 -0.10 5.24 -10.73
N GLU A 403 -0.39 5.23 -9.44
CA GLU A 403 -1.79 5.03 -8.98
C GLU A 403 -2.60 6.30 -9.21
N ARG A 404 -1.96 7.42 -9.52
CA ARG A 404 -2.70 8.60 -10.00
C ARG A 404 -2.99 8.44 -11.48
N PHE A 405 -2.14 7.79 -12.25
CA PHE A 405 -2.42 7.54 -13.68
C PHE A 405 -3.67 6.65 -13.72
N ARG A 406 -3.60 5.48 -13.12
CA ARG A 406 -4.72 4.53 -13.23
C ARG A 406 -6.02 5.20 -12.81
N LYS A 407 -6.03 5.95 -11.71
CA LYS A 407 -7.25 6.62 -11.21
C LYS A 407 -7.87 7.46 -12.32
N LYS A 408 -7.11 8.42 -12.84
CA LYS A 408 -7.65 9.31 -13.87
C LYS A 408 -8.08 8.52 -15.09
N LEU A 409 -7.36 7.48 -15.50
CA LEU A 409 -7.78 6.63 -16.66
C LEU A 409 -9.15 6.02 -16.37
N ILE A 410 -9.29 5.33 -15.24
CA ILE A 410 -10.56 4.68 -14.81
C ILE A 410 -11.70 5.69 -14.78
N GLU A 411 -11.45 6.89 -14.25
CA GLU A 411 -12.43 8.00 -14.25
C GLU A 411 -12.78 8.31 -15.69
N ARG A 412 -11.83 8.36 -16.61
CA ARG A 412 -12.15 8.75 -17.99
C ARG A 412 -13.06 7.69 -18.63
N TRP A 413 -12.79 6.41 -18.40
CA TRP A 413 -13.65 5.34 -18.93
C TRP A 413 -15.06 5.45 -18.33
N ALA A 414 -15.16 5.64 -17.03
CA ALA A 414 -16.45 5.70 -16.34
C ALA A 414 -17.23 6.88 -16.86
N CYS A 415 -16.52 7.94 -17.15
CA CYS A 415 -17.09 9.14 -17.78
C CYS A 415 -17.71 8.74 -19.13
N GLU A 416 -16.95 8.00 -19.94
CA GLU A 416 -17.39 7.56 -21.28
C GLU A 416 -18.63 6.68 -21.17
N ILE A 417 -18.52 5.59 -20.42
CA ILE A 417 -19.59 4.58 -20.17
C ILE A 417 -20.87 5.31 -19.78
N ALA A 418 -20.78 6.22 -18.83
CA ALA A 418 -21.95 6.97 -18.34
C ALA A 418 -22.57 7.71 -19.51
N ASP A 419 -21.76 8.50 -20.22
CA ASP A 419 -22.26 9.30 -21.37
C ASP A 419 -23.06 8.39 -22.30
N PHE A 420 -22.52 7.22 -22.65
CA PHE A 420 -23.20 6.22 -23.50
C PHE A 420 -24.60 5.94 -22.97
N PHE A 421 -24.69 5.33 -21.78
CA PHE A 421 -25.99 4.90 -21.19
C PHE A 421 -26.99 6.07 -21.16
N ILE A 422 -26.51 7.26 -20.79
CA ILE A 422 -27.33 8.50 -20.71
C ILE A 422 -27.89 8.83 -22.09
N LYS A 423 -27.06 8.76 -23.15
CA LYS A 423 -27.49 9.01 -24.56
C LYS A 423 -28.67 8.11 -24.89
N ASN A 424 -28.53 6.81 -24.60
CA ASN A 424 -29.51 5.74 -24.94
C ASN A 424 -30.65 5.69 -23.90
N LYS A 425 -30.50 6.39 -22.76
CA LYS A 425 -31.53 6.61 -21.71
C LYS A 425 -31.78 5.31 -20.95
N VAL A 426 -30.72 4.72 -20.41
CA VAL A 426 -30.77 3.48 -19.58
C VAL A 426 -30.88 3.91 -18.11
N GLY A 427 -31.61 3.14 -17.29
CA GLY A 427 -31.89 3.45 -15.88
C GLY A 427 -31.47 2.37 -14.93
N THR A 428 -31.26 1.15 -15.43
CA THR A 428 -30.64 0.03 -14.68
C THR A 428 -29.48 -0.50 -15.52
N VAL A 429 -28.31 -0.64 -14.92
CA VAL A 429 -27.11 -1.21 -15.58
C VAL A 429 -26.58 -2.34 -14.70
N GLN A 430 -26.62 -3.56 -15.24
CA GLN A 430 -26.12 -4.76 -14.53
C GLN A 430 -24.67 -4.88 -14.95
N MET A 431 -23.77 -5.13 -14.02
CA MET A 431 -22.35 -5.32 -14.39
C MET A 431 -21.84 -6.59 -13.72
N GLU A 432 -20.89 -7.26 -14.38
CA GLU A 432 -20.29 -8.55 -13.98
C GLU A 432 -19.76 -8.42 -12.55
N ASN A 433 -20.09 -9.38 -11.67
CA ASN A 433 -19.68 -9.38 -10.25
C ASN A 433 -18.15 -9.37 -10.15
N LEU A 434 -17.62 -8.88 -9.04
CA LEU A 434 -16.16 -8.64 -8.84
C LEU A 434 -15.35 -9.92 -9.03
N GLU A 435 -15.84 -11.04 -8.50
CA GLU A 435 -15.16 -12.36 -8.57
C GLU A 435 -15.09 -12.81 -10.03
N SER A 436 -16.23 -12.76 -10.73
CA SER A 436 -16.34 -13.13 -12.16
C SER A 436 -15.24 -12.43 -12.98
N MET A 437 -14.95 -11.15 -12.72
CA MET A 437 -13.94 -10.35 -13.48
C MET A 437 -12.52 -10.66 -12.99
N LYS A 438 -12.30 -10.53 -11.67
CA LYS A 438 -11.00 -10.71 -10.94
C LYS A 438 -10.41 -12.09 -11.22
N ARG A 439 -11.26 -13.10 -11.45
CA ARG A 439 -10.88 -14.49 -11.79
C ARG A 439 -11.68 -14.95 -13.01
N LYS A 440 -11.82 -14.11 -14.04
CA LYS A 440 -12.45 -14.51 -15.32
C LYS A 440 -11.54 -15.49 -16.07
N GLU A 441 -10.25 -15.15 -16.17
CA GLU A 441 -9.20 -15.90 -16.92
C GLU A 441 -9.37 -15.74 -18.44
N ASP A 442 -10.16 -14.75 -18.91
CA ASP A 442 -10.15 -14.26 -20.33
C ASP A 442 -10.42 -12.75 -20.42
N SER A 443 -10.12 -12.01 -19.34
CA SER A 443 -10.16 -10.53 -19.25
C SER A 443 -8.92 -9.95 -19.91
N TYR A 444 -9.08 -8.88 -20.67
CA TYR A 444 -7.97 -7.98 -21.11
C TYR A 444 -6.98 -7.71 -19.98
N PHE A 445 -7.44 -7.57 -18.74
CA PHE A 445 -6.55 -7.32 -17.60
C PHE A 445 -5.69 -8.56 -17.32
N ASN A 446 -6.16 -9.77 -17.66
CA ASN A 446 -5.42 -11.04 -17.38
C ASN A 446 -4.48 -11.37 -18.55
N ILE A 447 -5.04 -11.43 -19.75
CA ILE A 447 -4.34 -11.76 -21.03
C ILE A 447 -3.18 -10.77 -21.26
N ARG A 448 -3.38 -9.45 -21.15
CA ARG A 448 -2.38 -8.43 -21.58
C ARG A 448 -2.10 -7.38 -20.50
N LEU A 449 -1.81 -7.78 -19.26
CA LEU A 449 -1.53 -6.83 -18.15
C LEU A 449 -0.98 -7.60 -16.93
N TRP A 453 -4.45 -5.21 -11.25
CA TRP A 453 -5.46 -4.18 -11.63
C TRP A 453 -6.60 -4.06 -10.63
N PRO A 454 -6.91 -2.83 -10.13
CA PRO A 454 -7.97 -2.64 -9.14
C PRO A 454 -9.35 -2.77 -9.78
N TYR A 455 -10.10 -3.83 -9.46
CA TYR A 455 -11.49 -3.97 -9.93
C TYR A 455 -12.48 -3.40 -8.90
N ALA A 456 -12.08 -3.33 -7.63
CA ALA A 456 -12.80 -2.52 -6.63
C ALA A 456 -12.94 -1.12 -7.22
N GLU A 457 -11.80 -0.46 -7.46
CA GLU A 457 -11.74 0.97 -7.86
C GLU A 457 -12.43 1.11 -9.20
N MET A 458 -12.10 0.28 -10.18
CA MET A 458 -12.68 0.41 -11.53
C MET A 458 -14.21 0.33 -11.40
N GLN A 459 -14.70 -0.69 -10.72
CA GLN A 459 -16.15 -0.94 -10.61
C GLN A 459 -16.83 0.19 -9.81
N ASN A 460 -16.23 0.60 -8.69
CA ASN A 460 -16.78 1.65 -7.81
C ASN A 460 -16.92 2.95 -8.61
N LYS A 461 -15.90 3.28 -9.40
CA LYS A 461 -15.83 4.61 -10.05
C LYS A 461 -16.90 4.68 -11.11
N ILE A 462 -17.16 3.56 -11.78
CA ILE A 462 -18.26 3.44 -12.78
C ILE A 462 -19.59 3.55 -12.04
N GLU A 463 -19.77 2.73 -11.01
CA GLU A 463 -21.00 2.77 -10.18
C GLU A 463 -21.33 4.21 -9.83
N PHE A 464 -20.37 4.91 -9.24
CA PHE A 464 -20.58 6.22 -8.58
C PHE A 464 -20.94 7.29 -9.61
N LYS A 465 -20.36 7.21 -10.80
CA LYS A 465 -20.68 8.16 -11.89
C LYS A 465 -22.14 7.97 -12.24
N LEU A 466 -22.51 6.72 -12.51
CA LEU A 466 -23.90 6.38 -12.94
C LEU A 466 -24.89 6.84 -11.86
N LYS A 467 -24.60 6.54 -10.60
CA LYS A 467 -25.39 7.05 -9.46
C LYS A 467 -25.73 8.52 -9.69
N GLN A 468 -24.72 9.35 -9.94
CA GLN A 468 -24.87 10.83 -9.91
C GLN A 468 -25.99 11.28 -10.85
N TYR A 469 -26.23 10.56 -11.95
CA TYR A 469 -27.24 10.95 -12.98
C TYR A 469 -28.59 10.32 -12.67
N GLY A 470 -28.60 9.14 -12.07
CA GLY A 470 -29.84 8.43 -11.70
C GLY A 470 -29.77 6.95 -11.99
N ILE A 471 -28.87 6.52 -12.87
CA ILE A 471 -28.71 5.09 -13.23
C ILE A 471 -28.48 4.25 -11.96
N GLU A 472 -28.96 3.01 -11.96
CA GLU A 472 -28.87 2.05 -10.83
C GLU A 472 -28.06 0.81 -11.26
N ILE A 473 -26.90 0.60 -10.65
CA ILE A 473 -26.06 -0.61 -10.83
C ILE A 473 -26.65 -1.73 -9.96
N ARG A 474 -26.76 -2.94 -10.51
CA ARG A 474 -26.98 -4.20 -9.73
C ARG A 474 -25.95 -5.26 -10.15
N LYS A 475 -24.86 -5.35 -9.38
CA LYS A 475 -23.75 -6.32 -9.61
C LYS A 475 -24.36 -7.72 -9.71
N VAL A 476 -24.27 -8.36 -10.87
CA VAL A 476 -25.12 -9.54 -11.23
C VAL A 476 -24.24 -10.79 -11.34
N ALA A 477 -24.87 -11.96 -11.49
CA ALA A 477 -24.25 -13.30 -11.59
C ALA A 477 -24.11 -13.71 -13.05
N PRO A 478 -23.03 -14.45 -13.44
CA PRO A 478 -22.72 -14.68 -14.85
C PRO A 478 -23.57 -15.67 -15.67
N ASN A 479 -23.70 -16.93 -15.20
CA ASN A 479 -24.35 -18.07 -15.91
C ASN A 479 -23.73 -18.27 -17.31
N ASN A 480 -22.51 -18.82 -17.38
CA ASN A 480 -21.83 -19.28 -18.63
C ASN A 480 -21.88 -18.17 -19.68
N THR A 481 -21.51 -16.94 -19.30
CA THR A 481 -21.70 -15.69 -20.10
C THR A 481 -21.08 -15.83 -21.48
N SER A 482 -19.76 -16.06 -21.51
CA SER A 482 -18.87 -15.96 -22.71
C SER A 482 -19.37 -16.83 -23.87
N LYS A 483 -20.04 -17.95 -23.55
CA LYS A 483 -20.44 -19.03 -24.51
C LYS A 483 -21.91 -18.90 -24.92
N THR A 484 -22.80 -18.53 -24.00
CA THR A 484 -24.28 -18.56 -24.18
C THR A 484 -24.64 -17.64 -25.36
N CYS A 485 -25.53 -18.10 -26.26
CA CYS A 485 -26.01 -17.33 -27.44
C CYS A 485 -26.97 -16.23 -26.95
N SER A 486 -26.62 -14.98 -27.26
CA SER A 486 -27.27 -13.74 -26.80
C SER A 486 -28.64 -13.56 -27.46
N LYS A 487 -28.96 -14.34 -28.49
CA LYS A 487 -30.17 -14.18 -29.33
C LYS A 487 -31.13 -15.36 -29.09
N CYS A 488 -30.69 -16.61 -29.27
CA CYS A 488 -31.59 -17.79 -29.24
C CYS A 488 -31.52 -18.56 -27.91
N GLY A 489 -30.34 -18.72 -27.30
CA GLY A 489 -30.19 -19.28 -25.94
C GLY A 489 -29.32 -20.52 -25.83
N HIS A 490 -28.77 -21.04 -26.93
CA HIS A 490 -27.89 -22.25 -26.94
C HIS A 490 -26.73 -22.02 -25.96
N LEU A 491 -26.42 -23.04 -25.13
CA LEU A 491 -25.29 -23.01 -24.17
C LEU A 491 -24.16 -23.88 -24.73
N ASN A 492 -23.10 -23.24 -25.25
CA ASN A 492 -21.99 -23.90 -26.00
C ASN A 492 -20.86 -24.21 -25.01
N ASN A 493 -20.01 -25.18 -25.39
CA ASN A 493 -18.70 -25.49 -24.71
C ASN A 493 -17.56 -25.49 -25.73
N TYR A 494 -17.84 -25.20 -27.00
CA TYR A 494 -16.85 -25.22 -28.12
C TYR A 494 -16.05 -23.92 -28.06
N PHE A 495 -16.73 -22.78 -27.87
CA PHE A 495 -16.14 -21.41 -27.75
C PHE A 495 -15.59 -21.26 -26.33
N ASN A 496 -14.91 -22.29 -25.82
CA ASN A 496 -14.21 -22.26 -24.50
C ASN A 496 -12.91 -21.47 -24.71
N PHE A 497 -12.27 -21.03 -23.62
CA PHE A 497 -11.11 -20.08 -23.67
C PHE A 497 -10.04 -20.57 -24.66
N GLU A 498 -9.60 -21.82 -24.50
CA GLU A 498 -8.46 -22.42 -25.24
C GLU A 498 -8.81 -22.56 -26.74
N TYR A 499 -10.05 -22.96 -27.06
CA TYR A 499 -10.52 -23.02 -28.47
C TYR A 499 -10.38 -21.65 -29.11
N ARG A 500 -11.00 -20.64 -28.47
CA ARG A 500 -11.01 -19.25 -28.99
C ARG A 500 -9.54 -18.79 -29.00
N LYS A 501 -8.77 -19.11 -27.94
CA LYS A 501 -7.34 -18.76 -27.89
C LYS A 501 -6.63 -19.42 -29.08
N LYS A 502 -7.01 -20.66 -29.42
CA LYS A 502 -6.37 -21.49 -30.49
C LYS A 502 -6.56 -20.81 -31.86
N ASN A 503 -7.78 -20.38 -32.19
CA ASN A 503 -8.06 -19.58 -33.41
C ASN A 503 -7.53 -18.16 -33.21
N LYS A 504 -7.35 -17.73 -31.96
CA LYS A 504 -6.83 -16.39 -31.56
C LYS A 504 -8.01 -15.39 -31.57
N PHE A 505 -8.95 -15.57 -30.63
CA PHE A 505 -10.08 -14.67 -30.29
C PHE A 505 -10.91 -14.33 -31.52
N PRO A 506 -11.55 -15.34 -32.15
CA PRO A 506 -12.27 -15.16 -33.40
C PRO A 506 -13.71 -14.69 -33.14
N HIS A 507 -14.44 -14.33 -34.20
CA HIS A 507 -15.88 -13.94 -34.14
C HIS A 507 -16.70 -15.09 -33.51
N PHE A 508 -17.92 -14.78 -33.06
CA PHE A 508 -18.83 -15.71 -32.34
C PHE A 508 -20.01 -16.10 -33.24
N LYS A 509 -20.35 -17.40 -33.20
CA LYS A 509 -21.51 -18.01 -33.89
C LYS A 509 -22.08 -19.12 -33.00
N CYS A 510 -23.30 -19.56 -33.29
CA CYS A 510 -24.13 -20.45 -32.43
C CYS A 510 -24.62 -21.68 -33.20
N GLU A 511 -24.88 -22.76 -32.45
CA GLU A 511 -25.22 -24.12 -32.95
C GLU A 511 -26.74 -24.25 -33.14
N LYS A 512 -27.54 -23.43 -32.45
CA LYS A 512 -29.02 -23.46 -32.46
C LYS A 512 -29.59 -22.30 -33.31
N CYS A 513 -28.77 -21.43 -33.93
CA CYS A 513 -29.29 -20.31 -34.77
C CYS A 513 -28.20 -19.75 -35.70
N ASN A 518 -19.49 -10.87 -32.75
CA ASN A 518 -18.36 -10.42 -31.89
C ASN A 518 -18.51 -11.06 -30.50
N ALA A 519 -17.38 -11.36 -29.85
CA ALA A 519 -17.30 -12.11 -28.58
C ALA A 519 -17.66 -11.19 -27.41
N ASP A 520 -16.94 -10.09 -27.28
CA ASP A 520 -17.05 -9.16 -26.13
C ASP A 520 -18.49 -8.64 -26.08
N TYR A 521 -19.00 -8.19 -27.22
CA TYR A 521 -20.38 -7.64 -27.37
C TYR A 521 -21.39 -8.67 -26.84
N ASN A 522 -21.19 -9.94 -27.19
CA ASN A 522 -22.06 -11.05 -26.75
C ASN A 522 -22.00 -11.17 -25.23
N ALA A 523 -20.79 -11.19 -24.66
CA ALA A 523 -20.55 -11.36 -23.21
C ALA A 523 -21.26 -10.25 -22.41
N ALA A 524 -21.10 -8.99 -22.85
CA ALA A 524 -21.82 -7.84 -22.29
C ALA A 524 -23.31 -8.08 -22.41
N LEU A 525 -23.79 -8.44 -23.61
CA LEU A 525 -25.24 -8.54 -23.94
C LEU A 525 -25.91 -9.73 -23.24
N ASN A 526 -25.13 -10.65 -22.68
CA ASN A 526 -25.60 -11.72 -21.76
C ASN A 526 -25.33 -11.34 -20.30
N ILE A 527 -24.67 -10.20 -20.03
CA ILE A 527 -24.72 -9.53 -18.70
C ILE A 527 -25.95 -8.63 -18.66
N SER A 528 -26.42 -8.16 -19.82
CA SER A 528 -27.63 -7.30 -19.98
C SER A 528 -28.91 -8.15 -20.02
N ASN A 529 -28.91 -9.32 -19.36
CA ASN A 529 -30.06 -10.25 -19.24
C ASN A 529 -30.71 -10.08 -17.88
N PRO A 530 -31.92 -9.47 -17.75
CA PRO A 530 -32.58 -9.33 -16.45
C PRO A 530 -32.83 -10.63 -15.65
N LYS A 531 -32.83 -11.80 -16.31
CA LYS A 531 -33.01 -13.16 -15.73
C LYS A 531 -32.04 -13.38 -14.55
N LEU A 532 -30.79 -12.91 -14.67
CA LEU A 532 -29.67 -13.19 -13.74
C LEU A 532 -29.94 -12.53 -12.38
N LYS A 533 -29.24 -12.99 -11.33
CA LYS A 533 -29.53 -12.68 -9.90
C LYS A 533 -28.33 -11.98 -9.25
N THR B 15 21.55 -19.35 19.53
CA THR B 15 21.07 -20.69 19.08
C THR B 15 19.70 -20.53 18.40
N ILE B 16 19.54 -21.13 17.21
CA ILE B 16 18.38 -20.88 16.29
C ILE B 16 17.25 -21.87 16.61
N THR B 17 16.05 -21.58 16.10
CA THR B 17 14.78 -22.33 16.35
C THR B 17 14.18 -22.80 15.01
N LYS B 18 14.42 -24.06 14.64
CA LYS B 18 13.89 -24.67 13.41
C LYS B 18 12.42 -25.03 13.64
N THR B 19 11.51 -24.47 12.84
CA THR B 19 10.04 -24.65 12.95
C THR B 19 9.54 -25.56 11.82
N LEU B 20 9.17 -26.80 12.15
CA LEU B 20 8.57 -27.81 11.23
C LEU B 20 7.05 -27.71 11.39
N LYS B 21 6.29 -27.60 10.28
CA LYS B 21 4.81 -27.50 10.34
C LYS B 21 4.19 -28.48 9.35
N LEU B 22 3.57 -29.54 9.87
CA LEU B 22 3.04 -30.69 9.09
C LEU B 22 1.57 -30.94 9.46
N ARG B 23 0.77 -31.39 8.49
CA ARG B 23 -0.72 -31.37 8.52
C ARG B 23 -1.25 -32.53 9.36
N ILE B 24 -2.07 -32.22 10.36
CA ILE B 24 -2.88 -33.22 11.12
C ILE B 24 -4.02 -33.61 10.17
N VAL B 25 -3.82 -34.63 9.34
CA VAL B 25 -4.84 -35.11 8.36
C VAL B 25 -5.77 -36.11 9.07
N ARG B 26 -5.21 -36.99 9.89
CA ARG B 26 -5.99 -37.92 10.76
C ARG B 26 -5.56 -37.69 12.21
N PRO B 27 -6.31 -38.23 13.21
CA PRO B 27 -5.83 -38.36 14.58
C PRO B 27 -5.32 -39.78 14.91
N PHE B 104 -12.11 -39.68 17.83
CA PHE B 104 -12.25 -39.60 16.34
C PHE B 104 -11.95 -38.17 15.87
N TRP B 105 -12.55 -37.70 14.76
CA TRP B 105 -12.12 -36.48 14.02
C TRP B 105 -12.93 -35.24 14.40
N GLN B 106 -14.22 -35.20 14.06
CA GLN B 106 -15.07 -33.98 14.15
C GLN B 106 -15.05 -33.44 15.59
N GLU B 107 -15.02 -34.33 16.60
CA GLU B 107 -14.83 -33.99 18.04
C GLU B 107 -13.56 -33.14 18.21
N ILE B 108 -12.47 -33.53 17.54
CA ILE B 108 -11.14 -32.85 17.58
C ILE B 108 -11.23 -31.49 16.89
N SER B 109 -11.80 -31.43 15.68
CA SER B 109 -11.98 -30.16 14.93
C SER B 109 -12.74 -29.16 15.81
N GLU B 110 -13.86 -29.58 16.40
CA GLU B 110 -14.72 -28.72 17.26
C GLU B 110 -13.95 -28.26 18.51
N ILE B 111 -13.20 -29.15 19.16
CA ILE B 111 -12.33 -28.81 20.34
C ILE B 111 -11.30 -27.75 19.94
N PHE B 112 -10.69 -27.88 18.77
CA PHE B 112 -9.67 -26.93 18.29
C PHE B 112 -10.31 -25.56 18.07
N ARG B 113 -11.41 -25.52 17.33
CA ARG B 113 -12.14 -24.25 17.04
C ARG B 113 -12.39 -23.54 18.38
N GLN B 114 -12.89 -24.29 19.35
CA GLN B 114 -13.24 -23.73 20.68
C GLN B 114 -12.00 -23.23 21.42
N LEU B 115 -10.88 -23.98 21.47
CA LEU B 115 -9.66 -23.53 22.21
C LEU B 115 -9.09 -22.31 21.52
N GLN B 116 -9.09 -22.31 20.20
CA GLN B 116 -8.70 -21.13 19.41
C GLN B 116 -9.51 -19.92 19.90
N LYS B 117 -10.83 -19.99 19.82
CA LYS B 117 -11.69 -18.84 20.20
C LYS B 117 -11.43 -18.45 21.64
N GLN B 118 -11.45 -19.41 22.55
CA GLN B 118 -11.35 -19.18 24.01
C GLN B 118 -10.04 -18.45 24.36
N ALA B 119 -8.94 -18.89 23.75
CA ALA B 119 -7.58 -18.34 23.98
C ALA B 119 -7.49 -16.96 23.38
N ALA B 120 -8.02 -16.77 22.17
CA ALA B 120 -8.03 -15.46 21.48
C ALA B 120 -8.76 -14.42 22.35
N GLU B 121 -9.87 -14.80 22.99
CA GLU B 121 -10.54 -13.96 24.01
C GLU B 121 -9.52 -13.58 25.08
N ILE B 122 -8.90 -14.54 25.77
CA ILE B 122 -7.96 -14.24 26.91
C ILE B 122 -6.85 -13.29 26.43
N TYR B 123 -6.31 -13.53 25.23
CA TYR B 123 -5.17 -12.78 24.68
C TYR B 123 -5.59 -11.34 24.33
N ASN B 124 -6.59 -11.13 23.49
CA ASN B 124 -7.06 -9.75 23.14
C ASN B 124 -7.57 -9.04 24.36
N GLN B 125 -8.39 -9.68 25.17
CA GLN B 125 -8.88 -9.02 26.40
C GLN B 125 -7.73 -8.77 27.38
N SER B 126 -6.62 -9.51 27.33
CA SER B 126 -5.52 -9.31 28.31
C SER B 126 -4.62 -8.16 27.86
N LEU B 127 -4.32 -8.07 26.58
CA LEU B 127 -3.58 -6.89 26.07
C LEU B 127 -4.41 -5.63 26.38
N ILE B 128 -5.73 -5.70 26.18
CA ILE B 128 -6.60 -4.51 26.35
C ILE B 128 -6.69 -4.17 27.83
N GLU B 129 -6.99 -5.16 28.68
CA GLU B 129 -7.17 -4.90 30.13
C GLU B 129 -5.88 -4.30 30.70
N LEU B 130 -4.74 -4.74 30.16
CA LEU B 130 -3.38 -4.34 30.63
C LEU B 130 -3.07 -2.92 30.17
N TYR B 131 -3.21 -2.65 28.89
CA TYR B 131 -3.01 -1.27 28.34
C TYR B 131 -3.88 -0.28 29.11
N TYR B 132 -5.12 -0.65 29.37
CA TYR B 132 -6.09 0.20 30.10
C TYR B 132 -5.55 0.49 31.50
N GLU B 133 -4.93 -0.49 32.15
CA GLU B 133 -4.50 -0.33 33.56
C GLU B 133 -3.25 0.54 33.64
N ILE B 134 -2.23 0.30 32.80
CA ILE B 134 -0.99 1.14 32.86
C ILE B 134 -1.38 2.57 32.49
N PHE B 135 -1.91 2.76 31.28
CA PHE B 135 -1.94 4.04 30.54
C PHE B 135 -3.22 4.83 30.88
N ILE B 136 -4.39 4.26 30.62
CA ILE B 136 -5.70 4.96 30.66
C ILE B 136 -6.19 5.11 32.10
N LYS B 137 -5.57 4.41 33.05
CA LYS B 137 -5.84 4.58 34.51
C LYS B 137 -4.55 5.06 35.17
N GLY B 138 -3.53 4.20 35.24
CA GLY B 138 -2.40 4.30 36.19
C GLY B 138 -1.42 5.42 35.88
N LYS B 139 -1.89 6.68 35.87
CA LYS B 139 -1.07 7.93 35.78
C LYS B 139 -0.22 7.98 34.50
N GLY B 140 -0.39 7.03 33.57
CA GLY B 140 0.39 6.92 32.33
C GLY B 140 1.80 6.39 32.55
N ILE B 141 2.08 5.73 33.69
CA ILE B 141 3.42 5.13 34.02
C ILE B 141 3.23 3.80 34.77
N ALA B 142 4.08 2.82 34.44
CA ALA B 142 4.25 1.55 35.18
C ALA B 142 5.50 0.85 34.64
N ASN B 143 6.07 -0.07 35.42
CA ASN B 143 7.31 -0.81 35.04
C ASN B 143 6.96 -2.26 34.67
N ALA B 144 7.95 -3.00 34.19
CA ALA B 144 7.90 -4.46 33.92
C ALA B 144 7.44 -5.23 35.16
N SER B 145 7.67 -4.67 36.35
CA SER B 145 7.16 -5.16 37.65
C SER B 145 5.65 -5.39 37.59
N SER B 146 4.89 -4.37 37.19
CA SER B 146 3.40 -4.38 37.16
C SER B 146 2.90 -5.28 36.04
N VAL B 147 3.49 -5.18 34.84
CA VAL B 147 3.19 -6.08 33.70
C VAL B 147 3.36 -7.53 34.16
N GLU B 148 4.39 -7.81 34.97
CA GLU B 148 4.66 -9.14 35.57
C GLU B 148 3.55 -9.53 36.55
N HIS B 149 3.29 -8.70 37.57
CA HIS B 149 2.23 -8.91 38.60
C HIS B 149 0.89 -9.25 37.92
N TYR B 150 0.49 -8.44 36.93
CA TYR B 150 -0.77 -8.61 36.15
C TYR B 150 -0.75 -9.94 35.40
N LEU B 151 0.23 -10.11 34.51
CA LEU B 151 0.26 -11.29 33.60
C LEU B 151 0.30 -12.59 34.41
N SER B 152 1.16 -12.64 35.43
CA SER B 152 1.31 -13.80 36.36
C SER B 152 0.01 -14.02 37.13
N ASP B 153 -0.56 -12.98 37.74
CA ASP B 153 -1.85 -13.10 38.47
C ASP B 153 -2.98 -13.32 37.47
N VAL B 154 -3.51 -12.24 36.87
CA VAL B 154 -4.81 -12.19 36.16
C VAL B 154 -4.81 -13.16 34.96
N CYS B 155 -3.86 -12.99 34.04
CA CYS B 155 -3.86 -13.68 32.72
C CYS B 155 -3.63 -15.18 32.88
N TYR B 156 -2.58 -15.58 33.58
CA TYR B 156 -2.24 -17.00 33.82
C TYR B 156 -3.34 -17.66 34.66
N THR B 157 -3.84 -17.01 35.72
CA THR B 157 -4.90 -17.61 36.58
C THR B 157 -6.19 -17.79 35.79
N ARG B 158 -6.55 -16.83 34.92
CA ARG B 158 -7.77 -16.94 34.06
C ARG B 158 -7.58 -18.11 33.09
N ALA B 159 -6.55 -18.03 32.25
CA ALA B 159 -6.29 -19.01 31.17
C ALA B 159 -5.89 -20.38 31.74
N ALA B 160 -5.72 -20.52 33.05
CA ALA B 160 -5.45 -21.83 33.72
C ALA B 160 -6.73 -22.33 34.42
N GLU B 161 -7.50 -21.45 35.05
CA GLU B 161 -8.78 -21.80 35.73
C GLU B 161 -9.86 -22.17 34.68
N LEU B 162 -9.65 -21.84 33.40
CA LEU B 162 -10.57 -22.15 32.27
C LEU B 162 -10.12 -23.44 31.57
N PHE B 163 -8.91 -23.42 31.00
CA PHE B 163 -8.33 -24.51 30.17
C PHE B 163 -7.95 -25.71 31.06
N LYS B 164 -7.58 -25.45 32.33
CA LYS B 164 -7.16 -26.48 33.33
C LYS B 164 -5.91 -27.26 32.85
N ASN B 165 -5.23 -26.75 31.81
CA ASN B 165 -4.04 -27.35 31.16
C ASN B 165 -2.87 -26.36 31.23
N ALA B 166 -1.90 -26.66 32.10
CA ALA B 166 -0.71 -25.82 32.40
C ALA B 166 -0.05 -25.33 31.11
N ALA B 167 0.06 -26.23 30.11
CA ALA B 167 0.78 -25.99 28.84
C ALA B 167 0.15 -24.81 28.08
N ILE B 168 -1.17 -24.84 27.91
CA ILE B 168 -1.90 -23.82 27.10
C ILE B 168 -1.74 -22.49 27.82
N ALA B 169 -2.09 -22.46 29.11
CA ALA B 169 -2.06 -21.25 29.97
C ALA B 169 -0.64 -20.64 29.98
N SER B 170 0.41 -21.46 30.00
CA SER B 170 1.82 -21.02 30.12
C SER B 170 2.32 -20.48 28.77
N GLY B 171 2.04 -21.18 27.68
CA GLY B 171 2.37 -20.70 26.32
C GLY B 171 1.67 -19.40 25.99
N LEU B 172 0.41 -19.29 26.43
CA LEU B 172 -0.44 -18.09 26.27
C LEU B 172 0.10 -16.94 27.14
N ARG B 173 0.40 -17.20 28.40
CA ARG B 173 1.04 -16.21 29.32
C ARG B 173 2.23 -15.57 28.59
N SER B 174 3.09 -16.40 27.98
CA SER B 174 4.26 -15.94 27.19
C SER B 174 3.81 -15.12 25.98
N LYS B 175 2.75 -15.57 25.29
CA LYS B 175 2.26 -14.97 24.01
C LYS B 175 1.79 -13.53 24.28
N ILE B 176 1.14 -13.27 25.41
CA ILE B 176 0.75 -11.89 25.81
C ILE B 176 2.02 -11.12 26.19
N LYS B 177 2.81 -11.63 27.15
CA LYS B 177 4.05 -10.96 27.66
C LYS B 177 4.88 -10.47 26.47
N SER B 178 5.02 -11.32 25.46
CA SER B 178 5.76 -11.04 24.23
C SER B 178 5.24 -9.76 23.62
N ASN B 179 3.92 -9.65 23.49
CA ASN B 179 3.23 -8.66 22.62
C ASN B 179 2.86 -7.40 23.39
N PHE B 180 2.90 -7.39 24.72
CA PHE B 180 2.77 -6.14 25.48
C PHE B 180 4.15 -5.55 25.73
N ARG B 181 4.67 -4.83 24.71
CA ARG B 181 6.00 -4.16 24.72
C ARG B 181 5.83 -2.76 25.34
N LEU B 182 6.28 -2.57 26.57
CA LEU B 182 5.91 -1.41 27.40
C LEU B 182 6.54 -0.13 26.83
N LYS B 183 7.74 -0.19 26.23
CA LYS B 183 8.41 1.05 25.76
C LYS B 183 7.88 1.41 24.35
N GLU B 184 7.75 0.40 23.48
CA GLU B 184 7.06 0.53 22.16
C GLU B 184 5.70 1.24 22.34
N LEU B 185 5.08 1.12 23.51
CA LEU B 185 3.75 1.68 23.86
C LEU B 185 3.88 3.04 24.54
N LYS B 186 4.94 3.27 25.32
CA LYS B 186 5.15 4.58 26.00
C LYS B 186 5.44 5.67 24.95
N ASN B 187 5.88 5.28 23.75
CA ASN B 187 6.01 6.20 22.57
C ASN B 187 4.65 6.78 22.16
N MET B 188 3.54 6.09 22.41
CA MET B 188 2.24 6.24 21.68
C MET B 188 2.59 6.23 20.19
N LYS B 189 3.53 5.36 19.81
CA LYS B 189 3.99 5.12 18.42
C LYS B 189 2.85 4.38 17.69
N SER B 190 2.20 3.45 18.40
CA SER B 190 1.00 2.70 17.94
C SER B 190 0.28 2.06 19.14
N GLY B 191 -0.87 1.45 18.87
CA GLY B 191 -1.66 0.67 19.84
C GLY B 191 -1.20 -0.78 19.89
N LEU B 192 -2.15 -1.71 20.00
CA LEU B 192 -1.93 -3.08 20.51
C LEU B 192 -2.16 -4.11 19.40
N PRO B 193 -1.36 -5.21 19.36
CA PRO B 193 -1.54 -6.28 18.37
C PRO B 193 -2.69 -7.22 18.77
N THR B 194 -3.88 -6.96 18.24
CA THR B 194 -5.15 -7.64 18.61
C THR B 194 -5.54 -8.57 17.46
N THR B 195 -5.50 -9.87 17.65
CA THR B 195 -5.63 -10.86 16.56
C THR B 195 -7.08 -11.25 16.40
N LYS B 196 -7.41 -11.69 15.19
CA LYS B 196 -8.67 -12.38 14.86
C LYS B 196 -8.56 -13.83 15.31
N SER B 197 -9.62 -14.40 15.85
CA SER B 197 -9.64 -15.77 16.41
C SER B 197 -9.79 -16.76 15.27
N ASP B 198 -8.80 -16.77 14.37
CA ASP B 198 -8.56 -17.83 13.36
C ASP B 198 -7.05 -17.99 13.28
N ASN B 199 -6.38 -16.96 12.76
CA ASN B 199 -4.92 -16.92 12.55
C ASN B 199 -4.21 -16.94 13.92
N PHE B 200 -4.92 -17.12 15.04
CA PHE B 200 -4.33 -17.20 16.39
C PHE B 200 -3.99 -18.66 16.68
N PRO B 201 -2.70 -19.00 16.79
CA PRO B 201 -2.29 -20.36 17.11
C PRO B 201 -2.59 -20.79 18.54
N ILE B 202 -3.11 -21.99 18.69
CA ILE B 202 -3.22 -22.68 20.01
C ILE B 202 -1.80 -23.02 20.48
N PRO B 203 -1.33 -22.51 21.63
CA PRO B 203 -0.13 -23.04 22.27
C PRO B 203 -0.32 -24.47 22.79
N LEU B 204 0.78 -25.09 23.22
CA LEU B 204 0.84 -26.48 23.76
C LEU B 204 2.31 -26.84 24.04
N VAL B 205 2.54 -27.83 24.91
CA VAL B 205 3.90 -28.35 25.24
C VAL B 205 3.81 -29.88 25.26
N PHE B 215 6.37 -33.81 21.91
CA PHE B 215 6.56 -34.67 23.11
C PHE B 215 6.65 -36.14 22.63
N GLU B 216 5.72 -37.03 22.98
CA GLU B 216 5.78 -38.47 22.58
C GLU B 216 5.49 -38.57 21.08
N ILE B 217 6.23 -39.39 20.34
CA ILE B 217 6.11 -39.46 18.84
C ILE B 217 6.70 -40.77 18.29
N SER B 218 6.04 -41.34 17.27
CA SER B 218 6.38 -42.61 16.57
C SER B 218 6.27 -42.42 15.05
N ASN B 219 7.00 -43.23 14.27
CA ASN B 219 7.01 -43.19 12.77
C ASN B 219 6.30 -44.43 12.22
N PHE B 224 3.80 -39.54 10.69
CA PHE B 224 4.23 -39.92 12.07
C PHE B 224 3.14 -39.52 13.08
N ILE B 225 2.97 -40.33 14.13
CA ILE B 225 1.98 -40.11 15.24
C ILE B 225 2.63 -39.28 16.36
N ILE B 226 2.22 -38.02 16.49
CA ILE B 226 2.47 -37.13 17.67
C ILE B 226 1.53 -37.64 18.79
N LYS B 227 1.91 -37.42 20.05
CA LYS B 227 1.11 -37.80 21.25
C LYS B 227 1.34 -36.75 22.33
N ILE B 228 0.25 -36.07 22.75
CA ILE B 228 0.27 -34.83 23.59
C ILE B 228 -0.65 -35.03 24.78
N PRO B 229 -0.21 -34.65 26.00
CA PRO B 229 -1.04 -34.78 27.20
C PRO B 229 -2.13 -33.71 27.17
N PHE B 230 -3.39 -34.15 27.28
CA PHE B 230 -4.61 -33.30 27.25
C PHE B 230 -5.63 -33.84 28.25
N GLY B 231 -6.39 -32.93 28.84
CA GLY B 231 -7.48 -33.24 29.78
C GLY B 231 -8.61 -34.02 29.12
N ARG B 232 -9.37 -34.74 29.93
CA ARG B 232 -10.60 -35.47 29.53
C ARG B 232 -11.75 -34.46 29.50
N TRP B 233 -12.24 -34.12 28.29
CA TRP B 233 -13.40 -33.19 28.12
C TRP B 233 -14.70 -33.99 28.16
N GLN B 234 -15.58 -33.63 29.09
CA GLN B 234 -17.02 -33.98 29.10
C GLN B 234 -17.78 -32.74 28.62
N VAL B 235 -18.77 -32.91 27.73
CA VAL B 235 -19.61 -31.80 27.17
C VAL B 235 -20.37 -31.15 28.35
N LYS B 236 -20.70 -29.86 28.24
CA LYS B 236 -21.47 -29.12 29.30
C LYS B 236 -22.96 -29.27 29.02
N LYS B 237 -23.73 -29.68 30.04
CA LYS B 237 -25.16 -30.07 29.95
C LYS B 237 -26.03 -28.82 29.75
N GLU B 238 -25.58 -27.66 30.22
CA GLU B 238 -26.20 -26.33 30.00
C GLU B 238 -25.30 -25.51 29.06
N ILE B 239 -25.69 -25.37 27.79
CA ILE B 239 -24.94 -24.58 26.77
C ILE B 239 -25.43 -23.13 26.84
N ASP B 240 -24.50 -22.17 26.95
CA ASP B 240 -24.79 -20.71 26.96
C ASP B 240 -25.44 -20.32 25.63
N LYS B 241 -26.56 -19.58 25.68
CA LYS B 241 -27.34 -19.13 24.49
C LYS B 241 -26.44 -18.22 23.63
N TYR B 242 -25.66 -17.35 24.28
CA TYR B 242 -24.96 -16.20 23.67
C TYR B 242 -23.54 -16.60 23.24
N ARG B 243 -22.95 -17.63 23.85
CA ARG B 243 -21.62 -18.20 23.46
C ARG B 243 -21.84 -19.63 22.97
N PRO B 244 -22.30 -19.82 21.71
CA PRO B 244 -22.79 -21.13 21.25
C PRO B 244 -21.71 -22.02 20.60
N TRP B 245 -20.49 -21.48 20.48
CA TRP B 245 -19.33 -22.17 19.87
C TRP B 245 -18.64 -23.02 20.93
N GLU B 246 -18.65 -22.59 22.20
CA GLU B 246 -18.03 -23.37 23.31
C GLU B 246 -19.03 -24.43 23.78
N LYS B 247 -18.75 -25.70 23.45
CA LYS B 247 -19.62 -26.87 23.77
C LYS B 247 -19.01 -27.70 24.91
N PHE B 248 -17.68 -27.81 24.98
CA PHE B 248 -16.98 -28.78 25.87
C PHE B 248 -16.21 -28.03 26.97
N ASP B 249 -16.36 -28.45 28.22
CA ASP B 249 -15.60 -27.96 29.39
C ASP B 249 -14.51 -28.99 29.74
N PHE B 250 -13.26 -28.55 29.88
CA PHE B 250 -12.07 -29.45 30.01
C PHE B 250 -11.82 -29.74 31.49
N GLU B 251 -11.14 -30.86 31.76
CA GLU B 251 -10.77 -31.32 33.12
C GLU B 251 -9.23 -31.26 33.26
N GLN B 252 -8.73 -31.32 34.49
CA GLN B 252 -7.27 -31.27 34.84
C GLN B 252 -6.55 -32.43 34.14
N VAL B 253 -5.28 -32.23 33.77
CA VAL B 253 -4.42 -33.21 33.04
C VAL B 253 -3.61 -34.04 34.06
N GLN B 254 -3.84 -33.84 35.37
CA GLN B 254 -3.28 -34.67 36.48
C GLN B 254 -4.38 -35.57 37.07
N LYS B 255 -5.63 -35.08 37.14
CA LYS B 255 -6.79 -35.76 37.78
C LYS B 255 -7.53 -36.64 36.77
N SER B 256 -7.60 -36.24 35.50
CA SER B 256 -8.25 -36.98 34.38
C SER B 256 -7.46 -36.78 33.08
N PRO B 257 -6.24 -37.36 32.95
CA PRO B 257 -5.45 -37.24 31.73
C PRO B 257 -5.94 -38.17 30.61
N LYS B 258 -6.46 -37.59 29.53
CA LYS B 258 -7.00 -38.28 28.32
C LYS B 258 -6.11 -37.92 27.13
N PRO B 259 -4.81 -38.28 27.15
CA PRO B 259 -3.83 -37.70 26.23
C PRO B 259 -4.18 -38.12 24.79
N ILE B 260 -4.15 -37.16 23.86
CA ILE B 260 -4.65 -37.37 22.47
C ILE B 260 -3.46 -37.50 21.51
N SER B 261 -3.63 -38.32 20.47
CA SER B 261 -2.60 -38.65 19.45
C SER B 261 -3.05 -38.08 18.11
N LEU B 262 -2.11 -37.67 17.26
CA LEU B 262 -2.38 -37.10 15.91
C LEU B 262 -1.41 -37.66 14.87
N LEU B 263 -1.91 -38.39 13.88
CA LEU B 263 -1.12 -38.88 12.71
C LEU B 263 -0.94 -37.72 11.72
N LEU B 264 0.25 -37.14 11.64
CA LEU B 264 0.55 -35.95 10.78
C LEU B 264 1.33 -36.38 9.54
N SER B 265 1.15 -35.64 8.43
CA SER B 265 1.78 -35.88 7.10
C SER B 265 2.79 -34.75 6.77
N TYR B 297 8.31 -26.35 22.55
CA TYR B 297 7.15 -25.45 22.34
C TYR B 297 6.39 -25.85 21.05
N ILE B 298 5.11 -26.25 21.18
CA ILE B 298 4.28 -26.79 20.07
C ILE B 298 3.04 -25.91 19.87
N GLU B 299 2.65 -25.71 18.60
CA GLU B 299 1.43 -24.94 18.23
C GLU B 299 0.54 -25.76 17.29
N VAL B 300 -0.73 -25.36 17.22
CA VAL B 300 -1.74 -25.90 16.29
C VAL B 300 -2.40 -24.69 15.64
N LYS B 301 -2.72 -24.75 14.35
CA LYS B 301 -3.37 -23.61 13.66
C LYS B 301 -3.91 -23.99 12.28
N ARG B 302 -4.91 -23.24 11.80
CA ARG B 302 -5.49 -23.43 10.44
C ARG B 302 -4.41 -23.13 9.38
N GLY B 303 -4.66 -23.54 8.12
CA GLY B 303 -3.67 -23.58 7.03
C GLY B 303 -3.96 -22.56 5.95
N SER B 304 -3.05 -21.59 5.77
CA SER B 304 -3.15 -20.48 4.78
C SER B 304 -1.78 -20.21 4.15
N SER B 310 -8.82 -25.40 5.08
CA SER B 310 -9.79 -26.03 6.03
C SER B 310 -9.08 -26.97 7.02
N ALA B 311 -7.91 -27.52 6.64
CA ALA B 311 -7.17 -28.53 7.42
C ALA B 311 -6.23 -27.84 8.42
N TRP B 312 -5.80 -28.60 9.43
CA TRP B 312 -5.12 -28.14 10.66
C TRP B 312 -3.64 -28.49 10.63
N MET B 313 -2.80 -27.50 10.34
CA MET B 313 -1.34 -27.62 10.49
C MET B 313 -0.99 -27.69 11.98
N LEU B 314 0.04 -28.47 12.31
CA LEU B 314 0.68 -28.48 13.64
C LEU B 314 2.12 -28.04 13.48
N ASN B 315 2.50 -26.91 14.07
CA ASN B 315 3.91 -26.46 14.14
C ASN B 315 4.57 -27.04 15.40
N LEU B 316 5.85 -27.35 15.31
CA LEU B 316 6.72 -27.36 16.51
C LEU B 316 8.06 -26.73 16.12
N SER B 317 8.54 -25.88 17.03
CA SER B 317 9.91 -25.30 17.03
C SER B 317 10.82 -26.23 17.82
N ILE B 318 12.07 -26.39 17.37
CA ILE B 318 13.13 -27.14 18.09
C ILE B 318 14.37 -26.23 18.17
N ASP B 319 15.12 -26.34 19.27
CA ASP B 319 16.39 -25.63 19.55
C ASP B 319 17.53 -26.34 18.80
N VAL B 320 18.18 -25.65 17.84
CA VAL B 320 19.36 -26.17 17.08
C VAL B 320 20.48 -25.14 17.13
N PRO B 321 21.68 -25.52 17.60
CA PRO B 321 22.92 -24.85 17.20
C PRO B 321 23.41 -25.31 15.82
N ASP B 328 35.48 -24.81 3.13
CA ASP B 328 35.71 -26.21 2.70
C ASP B 328 36.61 -26.23 1.46
N PRO B 329 37.96 -26.14 1.61
CA PRO B 329 38.87 -26.02 0.47
C PRO B 329 38.75 -27.05 -0.67
N SER B 330 37.97 -28.12 -0.48
CA SER B 330 37.64 -29.14 -1.52
C SER B 330 36.69 -28.57 -2.58
N ILE B 331 35.56 -28.01 -2.15
CA ILE B 331 34.47 -27.47 -3.03
C ILE B 331 34.99 -26.25 -3.79
N ILE B 332 34.96 -26.31 -5.12
CA ILE B 332 35.63 -25.34 -6.04
C ILE B 332 34.55 -24.54 -6.79
N GLY B 333 34.71 -23.22 -6.84
CA GLY B 333 33.79 -22.25 -7.48
C GLY B 333 34.44 -21.57 -8.66
N GLY B 334 33.62 -20.96 -9.53
CA GLY B 334 34.08 -20.32 -10.78
C GLY B 334 33.29 -19.07 -11.13
N ILE B 335 34.00 -17.96 -11.37
CA ILE B 335 33.42 -16.67 -11.82
C ILE B 335 33.79 -16.48 -13.29
N ALA B 336 32.81 -16.22 -14.15
CA ALA B 336 33.06 -15.97 -15.60
C ALA B 336 32.28 -14.75 -16.06
N VAL B 337 32.98 -13.81 -16.71
CA VAL B 337 32.39 -12.63 -17.40
C VAL B 337 31.41 -13.13 -18.45
N GLY B 338 30.18 -12.62 -18.42
CA GLY B 338 29.05 -13.11 -19.23
C GLY B 338 28.85 -12.27 -20.48
N VAL B 339 27.65 -12.34 -21.06
CA VAL B 339 27.25 -11.62 -22.29
C VAL B 339 25.88 -10.97 -22.12
N LYS B 340 25.06 -11.46 -21.20
CA LYS B 340 23.73 -10.89 -20.86
C LYS B 340 23.75 -10.43 -19.41
N SER B 341 24.48 -11.17 -18.55
CA SER B 341 24.82 -10.77 -17.16
C SER B 341 26.31 -10.43 -17.11
N PRO B 342 26.72 -9.26 -16.59
CA PRO B 342 28.13 -8.89 -16.49
C PRO B 342 29.06 -10.01 -16.00
N LEU B 343 28.83 -10.55 -14.80
CA LEU B 343 29.65 -11.61 -14.15
C LEU B 343 28.70 -12.65 -13.60
N VAL B 344 28.85 -13.91 -13.99
CA VAL B 344 28.01 -15.01 -13.44
C VAL B 344 28.95 -16.00 -12.76
N CYS B 345 28.64 -16.36 -11.52
CA CYS B 345 29.46 -17.25 -10.68
C CYS B 345 28.63 -18.49 -10.34
N ALA B 346 29.34 -19.61 -10.19
CA ALA B 346 28.78 -20.98 -10.18
C ALA B 346 29.72 -21.90 -9.42
N ILE B 347 29.24 -23.09 -9.05
CA ILE B 347 29.99 -24.04 -8.18
C ILE B 347 30.05 -25.40 -8.89
N ASN B 348 31.24 -26.03 -8.91
CA ASN B 348 31.49 -27.32 -9.62
C ASN B 348 30.95 -28.46 -8.77
N ASN B 349 30.21 -29.38 -9.41
CA ASN B 349 29.57 -30.58 -8.79
C ASN B 349 28.30 -30.17 -8.02
N ALA B 350 28.04 -28.87 -7.88
CA ALA B 350 26.80 -28.29 -7.28
C ALA B 350 25.89 -27.81 -8.41
N PHE B 351 24.72 -27.28 -8.05
CA PHE B 351 23.71 -26.73 -8.99
C PHE B 351 23.49 -25.23 -8.75
N SER B 352 24.11 -24.65 -7.72
CA SER B 352 23.82 -23.28 -7.23
C SER B 352 24.63 -22.24 -8.03
N ARG B 353 24.08 -21.04 -8.20
CA ARG B 353 24.66 -19.94 -9.02
C ARG B 353 24.24 -18.55 -8.50
N TYR B 354 24.93 -17.52 -8.98
CA TYR B 354 24.59 -16.09 -8.79
C TYR B 354 24.97 -15.31 -10.06
N SER B 355 24.02 -14.57 -10.62
CA SER B 355 24.19 -13.75 -11.84
C SER B 355 24.01 -12.28 -11.47
N ILE B 356 24.97 -11.44 -11.86
CA ILE B 356 25.02 -10.00 -11.54
C ILE B 356 24.23 -9.26 -12.61
N SER B 357 23.08 -8.65 -12.24
CA SER B 357 22.19 -7.84 -13.12
C SER B 357 22.88 -6.55 -13.51
N ASP B 358 22.70 -6.09 -14.74
CA ASP B 358 23.31 -4.81 -15.23
C ASP B 358 22.24 -3.73 -15.28
N ASN B 359 21.07 -3.95 -14.68
CA ASN B 359 19.95 -2.97 -14.66
C ASN B 359 20.48 -1.60 -14.22
N ASP B 360 20.89 -1.52 -12.96
CA ASP B 360 21.57 -0.35 -12.34
C ASP B 360 22.63 0.20 -13.33
N LEU B 361 23.45 -0.65 -13.94
CA LEU B 361 24.56 -0.19 -14.81
C LEU B 361 24.00 0.42 -16.10
N PHE B 362 23.01 -0.23 -16.71
CA PHE B 362 22.50 0.16 -18.05
C PHE B 362 21.74 1.47 -17.92
N HIS B 363 20.81 1.54 -16.97
CA HIS B 363 20.06 2.77 -16.60
C HIS B 363 21.02 3.95 -16.40
N PHE B 364 22.04 3.80 -15.57
CA PHE B 364 23.03 4.86 -15.38
C PHE B 364 23.63 5.23 -16.73
N ASN B 365 24.05 4.25 -17.51
CA ASN B 365 24.73 4.49 -18.82
C ASN B 365 23.84 5.33 -19.75
N LYS B 366 22.58 4.91 -19.94
CA LYS B 366 21.52 5.67 -20.66
C LYS B 366 21.63 7.15 -20.29
N LYS B 367 21.32 7.43 -19.04
CA LYS B 367 21.15 8.81 -18.54
C LYS B 367 22.43 9.58 -18.86
N MET B 368 23.58 8.94 -18.70
CA MET B 368 24.91 9.60 -18.87
C MET B 368 25.10 9.95 -20.35
N PHE B 369 24.76 9.06 -21.26
CA PHE B 369 24.83 9.33 -22.72
C PHE B 369 23.93 10.51 -23.05
N ALA B 370 22.74 10.54 -22.47
CA ALA B 370 21.72 11.59 -22.69
C ALA B 370 22.30 12.96 -22.30
N ARG B 371 22.78 13.08 -21.08
CA ARG B 371 23.43 14.33 -20.61
C ARG B 371 24.53 14.69 -21.61
N ARG B 372 25.26 13.71 -22.12
CA ARG B 372 26.33 13.98 -23.12
C ARG B 372 25.68 14.61 -24.35
N ARG B 373 24.84 13.86 -25.07
CA ARG B 373 24.16 14.29 -26.32
C ARG B 373 23.71 15.75 -26.20
N ILE B 374 23.06 16.07 -25.07
CA ILE B 374 22.46 17.40 -24.79
C ILE B 374 23.59 18.43 -24.57
N LEU B 375 24.67 18.01 -23.91
CA LEU B 375 25.84 18.88 -23.62
C LEU B 375 26.62 19.19 -24.90
N LEU B 376 26.48 18.36 -25.94
CA LEU B 376 27.21 18.53 -27.23
C LEU B 376 26.41 19.42 -28.21
N LYS B 377 25.45 20.22 -27.72
CA LYS B 377 24.90 21.40 -28.43
C LYS B 377 24.49 22.47 -27.41
N LYS B 393 35.14 22.26 -18.07
CA LYS B 393 34.11 21.78 -19.05
C LYS B 393 33.21 20.74 -18.37
N PRO B 394 31.87 20.93 -18.35
CA PRO B 394 30.98 20.03 -17.64
C PRO B 394 31.12 18.54 -18.03
N ILE B 395 31.41 18.24 -19.29
CA ILE B 395 31.60 16.83 -19.79
C ILE B 395 32.77 16.18 -19.04
N THR B 396 33.83 16.93 -18.73
CA THR B 396 34.96 16.50 -17.87
C THR B 396 34.41 16.11 -16.49
N ILE B 397 33.55 16.95 -15.92
CA ILE B 397 32.98 16.74 -14.56
C ILE B 397 32.06 15.51 -14.59
N LEU B 398 31.27 15.33 -15.66
CA LEU B 398 30.45 14.10 -15.89
C LEU B 398 31.36 12.88 -15.91
N THR B 399 32.52 12.96 -16.55
CA THR B 399 33.53 11.87 -16.57
C THR B 399 33.88 11.46 -15.13
N GLU B 400 34.29 12.43 -14.30
CA GLU B 400 34.78 12.17 -12.91
C GLU B 400 33.66 11.56 -12.07
N LYS B 401 32.45 12.11 -12.19
CA LYS B 401 31.25 11.60 -11.46
C LYS B 401 30.96 10.17 -11.93
N SER B 402 31.01 9.94 -13.23
CA SER B 402 30.71 8.62 -13.83
C SER B 402 31.67 7.59 -13.24
N GLU B 403 32.97 7.94 -13.16
CA GLU B 403 34.02 7.04 -12.62
C GLU B 403 33.68 6.69 -11.17
N ARG B 404 33.32 7.69 -10.35
CA ARG B 404 32.93 7.48 -8.92
C ARG B 404 31.80 6.46 -8.85
N PHE B 405 30.81 6.55 -9.74
CA PHE B 405 29.68 5.59 -9.77
C PHE B 405 30.17 4.18 -10.12
N ARG B 406 31.01 4.05 -11.14
CA ARG B 406 31.49 2.72 -11.60
C ARG B 406 32.29 2.07 -10.48
N LYS B 407 33.16 2.84 -9.82
CA LYS B 407 34.03 2.37 -8.72
C LYS B 407 33.16 1.82 -7.59
N LYS B 408 32.11 2.53 -7.18
CA LYS B 408 31.22 2.05 -6.10
C LYS B 408 30.43 0.84 -6.60
N LEU B 409 30.10 0.78 -7.87
CA LEU B 409 29.31 -0.34 -8.43
C LEU B 409 30.11 -1.62 -8.33
N ILE B 410 31.38 -1.56 -8.72
CA ILE B 410 32.29 -2.73 -8.71
C ILE B 410 32.44 -3.22 -7.27
N GLU B 411 32.56 -2.33 -6.30
CA GLU B 411 32.60 -2.71 -4.87
C GLU B 411 31.33 -3.49 -4.54
N ARG B 412 30.16 -3.03 -4.97
CA ARG B 412 28.89 -3.71 -4.62
C ARG B 412 28.76 -5.07 -5.31
N TRP B 413 29.20 -5.20 -6.56
CA TRP B 413 29.27 -6.54 -7.19
C TRP B 413 30.26 -7.43 -6.45
N ALA B 414 31.37 -6.89 -5.93
CA ALA B 414 32.38 -7.71 -5.22
C ALA B 414 31.78 -8.23 -3.91
N CYS B 415 31.05 -7.40 -3.17
CA CYS B 415 30.34 -7.83 -1.94
C CYS B 415 29.34 -8.92 -2.30
N GLU B 416 28.53 -8.71 -3.34
CA GLU B 416 27.49 -9.68 -3.74
C GLU B 416 28.13 -11.02 -4.16
N ILE B 417 29.25 -10.98 -4.87
CA ILE B 417 29.94 -12.23 -5.29
C ILE B 417 30.49 -12.93 -4.05
N ALA B 418 31.19 -12.21 -3.18
CA ALA B 418 31.79 -12.78 -1.95
C ALA B 418 30.70 -13.42 -1.07
N ASP B 419 29.56 -12.76 -0.95
CA ASP B 419 28.45 -13.26 -0.13
C ASP B 419 27.95 -14.55 -0.76
N PHE B 420 27.82 -14.62 -2.08
CA PHE B 420 27.31 -15.84 -2.74
C PHE B 420 28.28 -17.00 -2.52
N PHE B 421 29.58 -16.73 -2.49
CA PHE B 421 30.55 -17.82 -2.26
C PHE B 421 30.54 -18.22 -0.78
N ILE B 422 30.66 -17.27 0.15
CA ILE B 422 30.71 -17.59 1.60
C ILE B 422 29.47 -18.40 2.01
N LYS B 423 28.30 -18.09 1.43
CA LYS B 423 27.04 -18.85 1.68
C LYS B 423 27.27 -20.34 1.41
N ASN B 424 27.75 -20.69 0.23
CA ASN B 424 27.92 -22.10 -0.20
C ASN B 424 29.30 -22.62 0.22
N LYS B 425 29.95 -21.98 1.21
CA LYS B 425 31.17 -22.47 1.92
C LYS B 425 32.38 -22.49 0.98
N VAL B 426 32.21 -22.12 -0.29
CA VAL B 426 33.13 -22.42 -1.43
C VAL B 426 34.47 -21.73 -1.15
N GLY B 427 35.49 -22.50 -0.77
CA GLY B 427 36.72 -22.02 -0.11
C GLY B 427 37.85 -21.76 -1.09
N THR B 428 37.81 -22.38 -2.26
CA THR B 428 38.62 -22.00 -3.45
C THR B 428 37.65 -21.56 -4.54
N VAL B 429 37.92 -20.42 -5.18
CA VAL B 429 37.18 -19.91 -6.37
C VAL B 429 38.18 -19.46 -7.42
N GLN B 430 37.88 -19.75 -8.68
CA GLN B 430 38.81 -19.48 -9.80
C GLN B 430 38.10 -18.66 -10.89
N MET B 431 38.86 -17.79 -11.56
CA MET B 431 38.33 -16.89 -12.61
C MET B 431 39.48 -16.49 -13.54
N GLU B 432 39.21 -16.56 -14.85
CA GLU B 432 40.16 -16.35 -15.98
C GLU B 432 40.93 -15.05 -15.79
N ASN B 433 42.20 -15.02 -16.22
CA ASN B 433 43.16 -13.92 -15.96
C ASN B 433 42.77 -12.66 -16.77
N LEU B 434 43.46 -11.56 -16.50
CA LEU B 434 43.10 -10.18 -16.92
C LEU B 434 42.94 -10.12 -18.44
N GLU B 435 43.93 -10.63 -19.20
CA GLU B 435 43.96 -10.63 -20.69
C GLU B 435 42.79 -11.48 -21.24
N SER B 436 42.49 -12.60 -20.59
CA SER B 436 41.50 -13.62 -21.01
C SER B 436 40.06 -13.10 -20.86
N MET B 437 39.82 -12.06 -20.06
CA MET B 437 38.51 -11.37 -19.95
C MET B 437 38.65 -9.88 -20.30
N LYS B 438 39.78 -9.48 -20.89
CA LYS B 438 39.96 -8.15 -21.53
C LYS B 438 39.65 -8.27 -23.03
N ARG B 439 40.01 -9.41 -23.65
CA ARG B 439 39.82 -9.64 -25.12
C ARG B 439 39.06 -10.96 -25.33
N LYS B 440 37.81 -11.04 -24.88
CA LYS B 440 36.97 -12.26 -24.97
C LYS B 440 36.03 -12.20 -26.19
N GLU B 441 35.75 -11.00 -26.73
CA GLU B 441 35.02 -10.78 -28.00
C GLU B 441 33.51 -11.11 -27.89
N ASP B 442 33.12 -11.92 -26.90
CA ASP B 442 31.71 -12.30 -26.60
C ASP B 442 31.32 -11.80 -25.20
N SER B 443 32.26 -11.25 -24.43
CA SER B 443 31.99 -10.70 -23.08
C SER B 443 31.04 -9.51 -23.18
N TYR B 444 30.11 -9.40 -22.23
CA TYR B 444 29.18 -8.27 -22.01
C TYR B 444 29.92 -6.95 -22.14
N PHE B 445 31.11 -6.87 -21.53
CA PHE B 445 31.84 -5.61 -21.40
C PHE B 445 32.25 -5.08 -22.77
N ASN B 446 32.67 -5.97 -23.67
CA ASN B 446 33.16 -5.57 -25.01
C ASN B 446 31.97 -5.27 -25.94
N ILE B 447 30.91 -6.07 -25.90
CA ILE B 447 29.79 -5.99 -26.89
C ILE B 447 28.70 -5.01 -26.44
N ARG B 448 28.76 -4.48 -25.21
CA ARG B 448 27.80 -3.46 -24.72
C ARG B 448 28.52 -2.16 -24.37
N LEU B 449 29.70 -2.21 -23.74
CA LEU B 449 30.34 -1.01 -23.17
C LEU B 449 31.51 -0.58 -24.06
N ARG B 450 31.62 -1.15 -25.26
CA ARG B 450 32.63 -0.79 -26.31
C ARG B 450 34.04 -0.88 -25.72
N GLY B 451 34.36 -2.03 -25.13
CA GLY B 451 35.69 -2.40 -24.58
C GLY B 451 36.34 -1.33 -23.72
N PHE B 452 35.55 -0.46 -23.09
CA PHE B 452 36.02 0.62 -22.19
C PHE B 452 35.39 0.36 -20.81
N TRP B 453 36.22 0.06 -19.81
CA TRP B 453 35.84 -0.50 -18.48
C TRP B 453 37.09 -0.60 -17.61
N PRO B 454 36.99 -0.55 -16.26
CA PRO B 454 38.15 -0.82 -15.37
C PRO B 454 38.28 -2.27 -14.86
N TYR B 455 38.71 -3.18 -15.74
CA TYR B 455 38.80 -4.65 -15.48
C TYR B 455 39.70 -4.95 -14.28
N ALA B 456 40.89 -4.33 -14.30
CA ALA B 456 41.95 -4.47 -13.27
C ALA B 456 41.34 -4.27 -11.88
N GLU B 457 40.65 -3.13 -11.69
CA GLU B 457 40.03 -2.74 -10.41
C GLU B 457 38.92 -3.71 -10.07
N MET B 458 38.17 -4.18 -11.06
CA MET B 458 37.09 -5.17 -10.84
C MET B 458 37.70 -6.42 -10.20
N GLN B 459 38.67 -7.06 -10.86
CA GLN B 459 39.35 -8.29 -10.37
C GLN B 459 40.00 -8.05 -9.01
N ASN B 460 40.58 -6.87 -8.79
CA ASN B 460 41.31 -6.51 -7.54
C ASN B 460 40.34 -6.35 -6.37
N LYS B 461 39.19 -5.71 -6.60
CA LYS B 461 38.14 -5.56 -5.55
C LYS B 461 37.56 -6.94 -5.27
N ILE B 462 37.26 -7.72 -6.31
CA ILE B 462 36.64 -9.06 -6.13
C ILE B 462 37.62 -9.89 -5.30
N GLU B 463 38.89 -9.97 -5.69
CA GLU B 463 39.86 -10.86 -5.00
C GLU B 463 40.10 -10.37 -3.56
N PHE B 464 40.21 -9.05 -3.34
CA PHE B 464 40.48 -8.46 -2.00
C PHE B 464 39.33 -8.81 -1.04
N LYS B 465 38.07 -8.58 -1.43
CA LYS B 465 36.88 -8.94 -0.62
C LYS B 465 36.82 -10.46 -0.43
N LEU B 466 37.10 -11.24 -1.47
CA LEU B 466 37.00 -12.73 -1.44
C LEU B 466 38.11 -13.32 -0.56
N LYS B 467 39.25 -12.63 -0.36
CA LYS B 467 40.36 -13.02 0.55
C LYS B 467 40.14 -12.44 1.96
N GLN B 468 39.33 -11.39 2.05
CA GLN B 468 38.84 -10.77 3.32
C GLN B 468 37.69 -11.61 3.90
N TYR B 469 37.27 -12.68 3.22
CA TYR B 469 36.31 -13.69 3.73
C TYR B 469 36.96 -15.09 3.81
N GLY B 470 38.27 -15.17 3.64
CA GLY B 470 39.05 -16.41 3.82
C GLY B 470 39.10 -17.30 2.59
N ILE B 471 38.38 -16.94 1.52
CA ILE B 471 38.31 -17.72 0.24
C ILE B 471 39.59 -17.44 -0.57
N GLU B 472 40.16 -18.48 -1.20
CA GLU B 472 41.40 -18.40 -2.02
C GLU B 472 41.00 -18.27 -3.49
N ILE B 473 41.54 -17.27 -4.19
CA ILE B 473 41.28 -17.01 -5.64
C ILE B 473 42.44 -17.59 -6.46
N ARG B 474 42.12 -18.46 -7.42
CA ARG B 474 43.08 -19.10 -8.35
C ARG B 474 42.79 -18.59 -9.77
N LYS B 475 43.80 -18.14 -10.52
CA LYS B 475 43.61 -17.42 -11.81
C LYS B 475 43.94 -18.36 -12.97
N VAL B 476 42.89 -18.88 -13.62
CA VAL B 476 42.91 -20.00 -14.63
C VAL B 476 42.99 -19.39 -16.04
N ALA B 477 43.02 -20.26 -17.08
CA ALA B 477 42.98 -19.90 -18.52
C ALA B 477 41.62 -20.29 -19.09
N PRO B 478 41.17 -19.67 -20.23
CA PRO B 478 39.80 -19.88 -20.72
C PRO B 478 39.47 -21.29 -21.28
N ASN B 479 40.32 -21.81 -22.17
CA ASN B 479 40.23 -23.14 -22.84
C ASN B 479 38.84 -23.31 -23.48
N ASN B 480 38.46 -22.38 -24.35
CA ASN B 480 37.25 -22.42 -25.23
C ASN B 480 35.98 -22.41 -24.37
N THR B 481 35.87 -21.46 -23.44
CA THR B 481 34.82 -21.32 -22.39
C THR B 481 33.42 -21.43 -22.98
N SER B 482 33.07 -20.55 -23.92
CA SER B 482 31.72 -20.42 -24.51
C SER B 482 31.28 -21.75 -25.13
N LYS B 483 32.16 -22.36 -25.93
CA LYS B 483 31.86 -23.51 -26.83
C LYS B 483 31.86 -24.83 -26.03
N THR B 484 32.89 -25.10 -25.24
CA THR B 484 33.07 -26.37 -24.49
C THR B 484 31.86 -26.60 -23.58
N CYS B 485 31.41 -27.86 -23.47
CA CYS B 485 30.27 -28.31 -22.63
C CYS B 485 30.73 -28.51 -21.17
N SER B 486 29.90 -28.08 -20.21
CA SER B 486 30.18 -28.17 -18.76
C SER B 486 30.12 -29.62 -18.28
N LYS B 487 29.12 -30.37 -18.74
CA LYS B 487 28.69 -31.67 -18.20
C LYS B 487 29.54 -32.83 -18.77
N CYS B 488 30.05 -32.72 -20.00
CA CYS B 488 30.82 -33.82 -20.66
C CYS B 488 32.15 -33.33 -21.27
N GLY B 489 32.08 -32.28 -22.11
CA GLY B 489 33.25 -31.52 -22.62
C GLY B 489 33.47 -31.63 -24.12
N HIS B 490 32.43 -31.94 -24.91
CA HIS B 490 32.49 -31.97 -26.39
C HIS B 490 32.25 -30.56 -26.93
N LEU B 491 33.26 -29.99 -27.59
CA LEU B 491 33.22 -28.63 -28.19
C LEU B 491 32.11 -28.62 -29.24
N ASN B 492 31.16 -27.69 -29.11
CA ASN B 492 30.04 -27.49 -30.08
C ASN B 492 30.48 -26.43 -31.10
N ASN B 493 31.49 -26.79 -31.91
CA ASN B 493 32.25 -25.88 -32.81
C ASN B 493 31.31 -24.90 -33.54
N TYR B 494 30.06 -25.31 -33.81
CA TYR B 494 28.97 -24.46 -34.39
C TYR B 494 28.73 -23.21 -33.52
N PHE B 495 28.86 -23.33 -32.19
CA PHE B 495 28.53 -22.27 -31.19
C PHE B 495 29.60 -21.17 -31.22
N ASN B 496 29.81 -20.57 -32.40
CA ASN B 496 30.65 -19.37 -32.58
C ASN B 496 29.87 -18.18 -32.04
N PHE B 497 30.55 -17.16 -31.51
CA PHE B 497 29.93 -15.85 -31.21
C PHE B 497 29.06 -15.46 -32.40
N GLU B 498 29.62 -15.59 -33.62
CA GLU B 498 28.96 -15.32 -34.93
C GLU B 498 27.59 -16.02 -34.99
N TYR B 499 27.53 -17.33 -34.71
CA TYR B 499 26.25 -18.09 -34.64
C TYR B 499 25.27 -17.36 -33.71
N ARG B 500 25.77 -16.87 -32.56
CA ARG B 500 24.94 -16.34 -31.44
C ARG B 500 24.34 -14.98 -31.84
N LYS B 501 25.09 -14.15 -32.59
CA LYS B 501 24.66 -12.80 -33.05
C LYS B 501 23.53 -12.92 -34.07
N LYS B 502 23.64 -13.83 -35.06
CA LYS B 502 22.62 -14.07 -36.13
C LYS B 502 21.27 -14.43 -35.49
N ASN B 503 21.27 -15.19 -34.39
CA ASN B 503 20.08 -15.51 -33.56
C ASN B 503 19.82 -14.34 -32.59
N LYS B 504 19.24 -14.61 -31.41
CA LYS B 504 19.00 -13.62 -30.33
C LYS B 504 19.67 -14.12 -29.04
N PHE B 505 20.94 -14.54 -29.14
CA PHE B 505 21.77 -15.10 -28.03
C PHE B 505 20.98 -16.19 -27.32
N PRO B 506 20.89 -17.40 -27.94
CA PRO B 506 20.14 -18.52 -27.38
C PRO B 506 20.93 -19.29 -26.32
N HIS B 507 20.29 -20.28 -25.70
CA HIS B 507 20.91 -21.18 -24.68
C HIS B 507 21.98 -22.02 -25.37
N PHE B 508 22.78 -22.72 -24.57
CA PHE B 508 23.76 -23.72 -25.06
C PHE B 508 23.00 -24.97 -25.48
N LYS B 509 23.61 -25.80 -26.32
CA LYS B 509 23.19 -27.19 -26.60
C LYS B 509 24.44 -28.02 -26.90
N CYS B 510 24.72 -29.03 -26.07
CA CYS B 510 25.73 -30.08 -26.35
C CYS B 510 24.98 -31.22 -27.05
N GLU B 511 25.25 -31.46 -28.33
CA GLU B 511 24.44 -32.43 -29.11
C GLU B 511 24.91 -33.85 -28.72
N LYS B 512 26.12 -33.97 -28.16
CA LYS B 512 26.71 -35.25 -27.69
C LYS B 512 26.07 -35.70 -26.38
N CYS B 513 26.03 -34.86 -25.32
CA CYS B 513 25.45 -35.27 -24.00
C CYS B 513 24.05 -34.66 -23.80
N ASN B 514 23.60 -33.74 -24.68
CA ASN B 514 22.21 -33.20 -24.75
C ASN B 514 21.89 -32.49 -23.42
N PHE B 515 22.51 -31.32 -23.23
CA PHE B 515 22.45 -30.48 -21.99
C PHE B 515 22.32 -29.02 -22.41
N LYS B 516 21.08 -28.52 -22.48
CA LYS B 516 20.76 -27.15 -22.95
C LYS B 516 20.43 -26.25 -21.76
N GLU B 517 21.22 -25.19 -21.53
CA GLU B 517 20.85 -24.05 -20.64
C GLU B 517 21.72 -22.82 -20.97
N ASN B 518 21.78 -21.85 -20.05
CA ASN B 518 22.26 -20.46 -20.30
C ASN B 518 23.77 -20.43 -20.46
N ALA B 519 24.24 -20.02 -21.65
CA ALA B 519 25.64 -20.10 -22.12
C ALA B 519 26.60 -19.46 -21.12
N ASP B 520 26.11 -18.49 -20.34
CA ASP B 520 26.90 -17.77 -19.31
C ASP B 520 27.10 -18.71 -18.11
N TYR B 521 26.06 -19.36 -17.63
CA TYR B 521 26.19 -20.37 -16.54
C TYR B 521 26.99 -21.58 -17.05
N ASN B 522 26.83 -21.93 -18.33
CA ASN B 522 27.66 -22.97 -19.01
C ASN B 522 29.13 -22.55 -18.83
N ALA B 523 29.48 -21.34 -19.26
CA ALA B 523 30.84 -20.79 -19.21
C ALA B 523 31.33 -20.83 -17.75
N ALA B 524 30.48 -20.39 -16.83
CA ALA B 524 30.77 -20.37 -15.38
C ALA B 524 31.21 -21.77 -14.95
N LEU B 525 30.42 -22.77 -15.28
CA LEU B 525 30.69 -24.18 -14.88
C LEU B 525 31.91 -24.72 -15.61
N ASN B 526 32.21 -24.22 -16.81
CA ASN B 526 33.45 -24.57 -17.57
C ASN B 526 34.66 -24.05 -16.81
N ILE B 527 34.58 -22.83 -16.26
CA ILE B 527 35.69 -22.23 -15.46
C ILE B 527 35.89 -23.10 -14.22
N SER B 528 34.85 -23.22 -13.40
CA SER B 528 34.88 -23.87 -12.06
C SER B 528 35.56 -25.25 -12.07
N ASN B 529 35.70 -25.91 -13.25
CA ASN B 529 36.41 -27.22 -13.41
C ASN B 529 37.83 -27.07 -12.87
N PRO B 530 38.27 -27.94 -11.94
CA PRO B 530 39.59 -27.77 -11.31
C PRO B 530 40.75 -27.91 -12.30
N LYS B 531 40.66 -28.87 -13.24
CA LYS B 531 41.73 -29.16 -14.24
C LYS B 531 41.72 -28.08 -15.32
N LEU B 532 42.12 -26.84 -14.96
CA LEU B 532 42.01 -25.62 -15.81
C LEU B 532 43.30 -24.78 -15.69
ZN ZN F . 1.46 41.15 -15.43
ZN ZN G . -28.24 -18.99 -31.11
ZN ZN H . 28.19 -32.37 -23.26
#